data_439D
# 
_entry.id   439D 
# 
_audit_conform.dict_name       mmcif_pdbx.dic 
_audit_conform.dict_version    5.383 
_audit_conform.dict_location   http://mmcif.pdb.org/dictionaries/ascii/mmcif_pdbx.dic 
# 
loop_
_database_2.database_id 
_database_2.database_code 
_database_2.pdbx_database_accession 
_database_2.pdbx_DOI 
PDB   439D         pdb_0000439d 10.2210/pdb439d/pdb 
NDB   AR0012       ?            ?                   
RCSB  RCSB001328   ?            ?                   
WWPDB D_1000001328 ?            ?                   
# 
loop_
_pdbx_audit_revision_history.ordinal 
_pdbx_audit_revision_history.data_content_type 
_pdbx_audit_revision_history.major_revision 
_pdbx_audit_revision_history.minor_revision 
_pdbx_audit_revision_history.revision_date 
1 'Structure model' 1 0 2001-09-14 
2 'Structure model' 1 1 2008-04-26 
3 'Structure model' 1 2 2011-07-13 
4 'Structure model' 1 3 2023-12-27 
# 
_pdbx_audit_revision_details.ordinal             1 
_pdbx_audit_revision_details.revision_ordinal    1 
_pdbx_audit_revision_details.data_content_type   'Structure model' 
_pdbx_audit_revision_details.provider            repository 
_pdbx_audit_revision_details.type                'Initial release' 
_pdbx_audit_revision_details.description         ? 
_pdbx_audit_revision_details.details             ? 
# 
loop_
_pdbx_audit_revision_group.ordinal 
_pdbx_audit_revision_group.revision_ordinal 
_pdbx_audit_revision_group.data_content_type 
_pdbx_audit_revision_group.group 
1 2 'Structure model' 'Version format compliance' 
2 3 'Structure model' 'Version format compliance' 
3 4 'Structure model' 'Data collection'           
4 4 'Structure model' 'Database references'       
5 4 'Structure model' 'Derived calculations'      
# 
loop_
_pdbx_audit_revision_category.ordinal 
_pdbx_audit_revision_category.revision_ordinal 
_pdbx_audit_revision_category.data_content_type 
_pdbx_audit_revision_category.category 
1 4 'Structure model' chem_comp_atom         
2 4 'Structure model' chem_comp_bond         
3 4 'Structure model' database_2             
4 4 'Structure model' pdbx_struct_conn_angle 
5 4 'Structure model' struct_conn            
6 4 'Structure model' struct_site            
# 
loop_
_pdbx_audit_revision_item.ordinal 
_pdbx_audit_revision_item.revision_ordinal 
_pdbx_audit_revision_item.data_content_type 
_pdbx_audit_revision_item.item 
1  4 'Structure model' '_database_2.pdbx_DOI'                        
2  4 'Structure model' '_database_2.pdbx_database_accession'         
3  4 'Structure model' '_pdbx_struct_conn_angle.ptnr1_auth_comp_id'  
4  4 'Structure model' '_pdbx_struct_conn_angle.ptnr1_auth_seq_id'   
5  4 'Structure model' '_pdbx_struct_conn_angle.ptnr1_label_asym_id' 
6  4 'Structure model' '_pdbx_struct_conn_angle.ptnr1_label_atom_id' 
7  4 'Structure model' '_pdbx_struct_conn_angle.ptnr1_label_comp_id' 
8  4 'Structure model' '_pdbx_struct_conn_angle.ptnr1_label_seq_id'  
9  4 'Structure model' '_pdbx_struct_conn_angle.ptnr3_auth_comp_id'  
10 4 'Structure model' '_pdbx_struct_conn_angle.ptnr3_auth_seq_id'   
11 4 'Structure model' '_pdbx_struct_conn_angle.ptnr3_label_asym_id' 
12 4 'Structure model' '_pdbx_struct_conn_angle.ptnr3_label_atom_id' 
13 4 'Structure model' '_pdbx_struct_conn_angle.ptnr3_label_comp_id' 
14 4 'Structure model' '_pdbx_struct_conn_angle.ptnr3_label_seq_id'  
15 4 'Structure model' '_pdbx_struct_conn_angle.value'               
16 4 'Structure model' '_struct_conn.pdbx_dist_value'                
17 4 'Structure model' '_struct_conn.ptnr1_auth_comp_id'             
18 4 'Structure model' '_struct_conn.ptnr1_auth_seq_id'              
19 4 'Structure model' '_struct_conn.ptnr1_label_asym_id'            
20 4 'Structure model' '_struct_conn.ptnr1_label_atom_id'            
21 4 'Structure model' '_struct_conn.ptnr1_label_comp_id'            
22 4 'Structure model' '_struct_conn.ptnr1_label_seq_id'             
23 4 'Structure model' '_struct_conn.ptnr2_auth_comp_id'             
24 4 'Structure model' '_struct_conn.ptnr2_auth_seq_id'              
25 4 'Structure model' '_struct_conn.ptnr2_label_asym_id'            
26 4 'Structure model' '_struct_conn.ptnr2_label_atom_id'            
27 4 'Structure model' '_struct_conn.ptnr2_label_comp_id'            
28 4 'Structure model' '_struct_conn.ptnr2_label_seq_id'             
29 4 'Structure model' '_struct_site.pdbx_auth_asym_id'              
30 4 'Structure model' '_struct_site.pdbx_auth_comp_id'              
31 4 'Structure model' '_struct_site.pdbx_auth_seq_id'               
# 
_pdbx_database_status.status_code                     REL 
_pdbx_database_status.entry_id                        439D 
_pdbx_database_status.recvd_initial_deposition_date   1999-01-05 
_pdbx_database_status.deposit_site                    NDB 
_pdbx_database_status.process_site                    NDB 
_pdbx_database_status.status_code_sf                  REL 
_pdbx_database_status.SG_entry                        . 
_pdbx_database_status.pdb_format_compatible           Y 
_pdbx_database_status.status_code_mr                  ? 
_pdbx_database_status.status_code_cs                  ? 
_pdbx_database_status.status_code_nmr_data            ? 
_pdbx_database_status.methods_development_category    ? 
# 
loop_
_audit_author.name 
_audit_author.pdbx_ordinal 
'Perbandt, M.'  1 
'Lorenz, S.'    2 
'Vallazza, M.'  3 
'Erdmann, V.A.' 4 
'Betzel, C.'    5 
# 
_citation.id                        primary 
_citation.title                     
'Structure of an RNA duplex with an unusual G.C pair in wobble-like conformation at 1.6 A resolution.' 
_citation.journal_abbrev            'Acta Crystallogr.,Sect.D' 
_citation.journal_volume            57 
_citation.page_first                219 
_citation.page_last                 224 
_citation.year                      2001 
_citation.journal_id_ASTM           ABCRE6 
_citation.country                   DK 
_citation.journal_id_ISSN           0907-4449 
_citation.journal_id_CSD            0766 
_citation.book_publisher            ? 
_citation.pdbx_database_id_PubMed   11173467 
_citation.pdbx_database_id_DOI      10.1107/S0907444900017042 
# 
loop_
_citation_author.citation_id 
_citation_author.name 
_citation_author.ordinal 
_citation_author.identifier_ORCID 
primary 'Perbandt, M.'  1 ? 
primary 'Vallazza, M.'  2 ? 
primary 'Lippmann, C.'  3 ? 
primary 'Betzel, C.'    4 ? 
primary 'Erdmann, V.A.' 5 ? 
# 
loop_
_entity.id 
_entity.type 
_entity.src_method 
_entity.pdbx_description 
_entity.formula_weight 
_entity.pdbx_number_of_molecules 
_entity.pdbx_ec 
_entity.pdbx_mutation 
_entity.pdbx_fragment 
_entity.details 
1 polymer     syn 
;RNA (5'-R(*CP*UP*GP*GP*GP*CP*GP*G)-3')
;
2597.601 1  ? ? ? ? 
2 polymer     syn 
;RNA (5'-R(*CP*CP*GP*CP*CP*UP*GP*G)-3')
;
2517.553 1  ? ? ? ? 
3 non-polymer syn 'BARIUM ION'                             137.327  1  ? ? ? ? 
4 water       nat water                                    18.015   60 ? ? ? ? 
# 
loop_
_entity_poly.entity_id 
_entity_poly.type 
_entity_poly.nstd_linkage 
_entity_poly.nstd_monomer 
_entity_poly.pdbx_seq_one_letter_code 
_entity_poly.pdbx_seq_one_letter_code_can 
_entity_poly.pdbx_strand_id 
_entity_poly.pdbx_target_identifier 
1 polyribonucleotide no no CUGGGCGG CUGGGCGG A ? 
2 polyribonucleotide no no CCGCCUGG CCGCCUGG B ? 
# 
loop_
_pdbx_entity_nonpoly.entity_id 
_pdbx_entity_nonpoly.name 
_pdbx_entity_nonpoly.comp_id 
3 'BARIUM ION' BA  
4 water        HOH 
# 
loop_
_entity_poly_seq.entity_id 
_entity_poly_seq.num 
_entity_poly_seq.mon_id 
_entity_poly_seq.hetero 
1 1 C n 
1 2 U n 
1 3 G n 
1 4 G n 
1 5 G n 
1 6 C n 
1 7 G n 
1 8 G n 
2 1 C n 
2 2 C n 
2 3 G n 
2 4 C n 
2 5 C n 
2 6 U n 
2 7 G n 
2 8 G n 
# 
loop_
_chem_comp.id 
_chem_comp.type 
_chem_comp.mon_nstd_flag 
_chem_comp.name 
_chem_comp.pdbx_synonyms 
_chem_comp.formula 
_chem_comp.formula_weight 
BA  non-polymer   . 'BARIUM ION'                 ? 'Ba 2'            137.327 
C   'RNA linking' y "CYTIDINE-5'-MONOPHOSPHATE"  ? 'C9 H14 N3 O8 P'  323.197 
G   'RNA linking' y "GUANOSINE-5'-MONOPHOSPHATE" ? 'C10 H14 N5 O8 P' 363.221 
HOH non-polymer   . WATER                        ? 'H2 O'            18.015  
U   'RNA linking' y "URIDINE-5'-MONOPHOSPHATE"   ? 'C9 H13 N2 O9 P'  324.181 
# 
loop_
_pdbx_poly_seq_scheme.asym_id 
_pdbx_poly_seq_scheme.entity_id 
_pdbx_poly_seq_scheme.seq_id 
_pdbx_poly_seq_scheme.mon_id 
_pdbx_poly_seq_scheme.ndb_seq_num 
_pdbx_poly_seq_scheme.pdb_seq_num 
_pdbx_poly_seq_scheme.auth_seq_num 
_pdbx_poly_seq_scheme.pdb_mon_id 
_pdbx_poly_seq_scheme.auth_mon_id 
_pdbx_poly_seq_scheme.pdb_strand_id 
_pdbx_poly_seq_scheme.pdb_ins_code 
_pdbx_poly_seq_scheme.hetero 
A 1 1 C 1 79 79 C C A . n 
A 1 2 U 2 80 80 U U A . n 
A 1 3 G 3 81 81 G G A . n 
A 1 4 G 4 82 82 G G A . n 
A 1 5 G 5 83 83 G G A . n 
A 1 6 C 6 84 84 C C A . n 
A 1 7 G 7 85 85 G G A . n 
A 1 8 G 8 86 86 G G A . n 
B 2 1 C 1 90 90 C C B . n 
B 2 2 C 2 91 91 C C B . n 
B 2 3 G 3 92 92 G G B . n 
B 2 4 C 4 93 93 C C B . n 
B 2 5 C 5 94 94 C C B . n 
B 2 6 U 6 95 95 U U B . n 
B 2 7 G 7 96 96 G G B . n 
B 2 8 G 8 97 97 G G B . n 
# 
loop_
_pdbx_nonpoly_scheme.asym_id 
_pdbx_nonpoly_scheme.entity_id 
_pdbx_nonpoly_scheme.mon_id 
_pdbx_nonpoly_scheme.ndb_seq_num 
_pdbx_nonpoly_scheme.pdb_seq_num 
_pdbx_nonpoly_scheme.auth_seq_num 
_pdbx_nonpoly_scheme.pdb_mon_id 
_pdbx_nonpoly_scheme.auth_mon_id 
_pdbx_nonpoly_scheme.pdb_strand_id 
_pdbx_nonpoly_scheme.pdb_ins_code 
C 3 BA  1  101 1  BA  BA  A . 
D 4 HOH 1  1   1  HOH HOH A . 
D 4 HOH 2  4   4  HOH HOH A . 
D 4 HOH 3  5   5  HOH HOH A . 
D 4 HOH 4  7   7  HOH HOH A . 
D 4 HOH 5  10  10 HOH HOH A . 
D 4 HOH 6  11  11 HOH HOH A . 
D 4 HOH 7  12  12 HOH HOH A . 
D 4 HOH 8  13  13 HOH HOH A . 
D 4 HOH 9  14  14 HOH HOH A . 
D 4 HOH 10 23  23 HOH HOH A . 
D 4 HOH 11 24  24 HOH HOH A . 
D 4 HOH 12 26  26 HOH HOH A . 
D 4 HOH 13 27  27 HOH HOH A . 
D 4 HOH 14 29  29 HOH HOH A . 
D 4 HOH 15 32  32 HOH HOH A . 
D 4 HOH 16 34  34 HOH HOH A . 
D 4 HOH 17 35  35 HOH HOH A . 
D 4 HOH 18 36  36 HOH HOH A . 
D 4 HOH 19 37  37 HOH HOH A . 
D 4 HOH 20 38  38 HOH HOH A . 
D 4 HOH 21 39  39 HOH HOH A . 
D 4 HOH 22 40  40 HOH HOH A . 
D 4 HOH 23 41  41 HOH HOH A . 
D 4 HOH 24 42  42 HOH HOH A . 
D 4 HOH 25 43  43 HOH HOH A . 
D 4 HOH 26 44  44 HOH HOH A . 
D 4 HOH 27 45  45 HOH HOH A . 
D 4 HOH 28 46  46 HOH HOH A . 
D 4 HOH 29 54  54 HOH HOH A . 
D 4 HOH 30 56  56 HOH HOH A . 
D 4 HOH 31 58  58 HOH HOH A . 
D 4 HOH 32 59  59 HOH HOH A . 
D 4 HOH 33 60  60 HOH HOH A . 
E 4 HOH 1  2   2  HOH HOH B . 
E 4 HOH 2  3   3  HOH HOH B . 
E 4 HOH 3  6   6  HOH HOH B . 
E 4 HOH 4  8   8  HOH HOH B . 
E 4 HOH 5  9   9  HOH HOH B . 
E 4 HOH 6  15  15 HOH HOH B . 
E 4 HOH 7  16  16 HOH HOH B . 
E 4 HOH 8  17  17 HOH HOH B . 
E 4 HOH 9  18  18 HOH HOH B . 
E 4 HOH 10 19  19 HOH HOH B . 
E 4 HOH 11 20  20 HOH HOH B . 
E 4 HOH 12 21  21 HOH HOH B . 
E 4 HOH 13 22  22 HOH HOH B . 
E 4 HOH 14 25  25 HOH HOH B . 
E 4 HOH 15 28  28 HOH HOH B . 
E 4 HOH 16 30  30 HOH HOH B . 
E 4 HOH 17 31  31 HOH HOH B . 
E 4 HOH 18 33  33 HOH HOH B . 
E 4 HOH 19 47  47 HOH HOH B . 
E 4 HOH 20 48  48 HOH HOH B . 
E 4 HOH 21 49  49 HOH HOH B . 
E 4 HOH 22 50  50 HOH HOH B . 
E 4 HOH 23 51  51 HOH HOH B . 
E 4 HOH 24 52  52 HOH HOH B . 
E 4 HOH 25 53  53 HOH HOH B . 
E 4 HOH 26 55  55 HOH HOH B . 
E 4 HOH 27 57  57 HOH HOH B . 
# 
loop_
_software.name 
_software.classification 
_software.version 
_software.citation_id 
_software.pdbx_ordinal 
AMoRE     phasing          .   ? 1 
X-PLOR    refinement       3.1 ? 2 
DENZO     'data reduction' .   ? 3 
SCALEPACK 'data scaling'   .   ? 4 
# 
_cell.entry_id           439D 
_cell.length_a           41.969 
_cell.length_b           41.969 
_cell.length_c           127.137 
_cell.angle_alpha        90.000 
_cell.angle_beta         90.000 
_cell.angle_gamma        120.000 
_cell.Z_PDB              18 
_cell.pdbx_unique_axis   ? 
# 
_symmetry.entry_id                         439D 
_symmetry.space_group_name_H-M             'H 3 2' 
_symmetry.pdbx_full_space_group_name_H-M   ? 
_symmetry.cell_setting                     trigonal 
_symmetry.Int_Tables_number                155 
# 
_exptl.entry_id          439D 
_exptl.method            'X-RAY DIFFRACTION' 
_exptl.crystals_number   1 
# 
_exptl_crystal.id                    1 
_exptl_crystal.density_meas          ? 
_exptl_crystal.density_percent_sol   41.60 
_exptl_crystal.density_Matthews      2.11 
_exptl_crystal.description           ? 
# 
_diffrn.id                     1 
_diffrn.ambient_temp           170 
_diffrn.ambient_temp_details   ? 
_diffrn.crystal_id             1 
# 
_diffrn_detector.diffrn_id              1 
_diffrn_detector.detector               'IMAGE PLATE' 
_diffrn_detector.type                   MARRESEARCH 
_diffrn_detector.pdbx_collection_date   1998-04-04 
_diffrn_detector.details                ? 
# 
_diffrn_radiation.diffrn_id                        1 
_diffrn_radiation.wavelength_id                    1 
_diffrn_radiation.pdbx_monochromatic_or_laue_m_l   M 
_diffrn_radiation.monochromator                    ? 
_diffrn_radiation.pdbx_diffrn_protocol             'SINGLE WAVELENGTH' 
_diffrn_radiation.pdbx_scattering_type             x-ray 
# 
_diffrn_radiation_wavelength.id           1 
_diffrn_radiation_wavelength.wavelength   1.000 
_diffrn_radiation_wavelength.wt           1.0 
# 
_diffrn_source.diffrn_id                   1 
_diffrn_source.source                      SYNCHROTRON 
_diffrn_source.type                        'ELETTRA BEAMLINE 5.2R' 
_diffrn_source.pdbx_synchrotron_site       ELETTRA 
_diffrn_source.pdbx_synchrotron_beamline   5.2R 
_diffrn_source.pdbx_wavelength             1.000 
_diffrn_source.pdbx_wavelength_list        ? 
# 
_reflns.entry_id                     439D 
_reflns.observed_criterion_sigma_I   ? 
_reflns.observed_criterion_sigma_F   0.0 
_reflns.d_resolution_low             20.0 
_reflns.d_resolution_high            1.6 
_reflns.number_obs                   5994 
_reflns.number_all                   5994 
_reflns.percent_possible_obs         96.1 
_reflns.pdbx_Rmerge_I_obs            0.0660000 
_reflns.pdbx_Rsym_value              ? 
_reflns.pdbx_netI_over_sigmaI        ? 
_reflns.B_iso_Wilson_estimate        ? 
_reflns.pdbx_redundancy              4.3 
_reflns.R_free_details               ? 
_reflns.pdbx_diffrn_id               1 
_reflns.pdbx_ordinal                 1 
# 
_reflns_shell.d_res_high             1.60 
_reflns_shell.d_res_low              1.63 
_reflns_shell.percent_possible_all   99.7 
_reflns_shell.Rmerge_I_obs           0.3070000 
_reflns_shell.pdbx_Rsym_value        ? 
_reflns_shell.meanI_over_sigI_obs    ? 
_reflns_shell.pdbx_redundancy        3.1 
_reflns_shell.percent_possible_obs   ? 
_reflns_shell.number_unique_all      ? 
_reflns_shell.pdbx_diffrn_id         ? 
_reflns_shell.pdbx_ordinal           1 
# 
_refine.entry_id                                 439D 
_refine.ls_number_reflns_obs                     5534 
_refine.ls_number_reflns_all                     5534 
_refine.pdbx_ls_sigma_I                          ? 
_refine.pdbx_ls_sigma_F                          0.0 
_refine.pdbx_data_cutoff_high_absF               ? 
_refine.pdbx_data_cutoff_low_absF                ? 
_refine.pdbx_data_cutoff_high_rms_absF           ? 
_refine.ls_d_res_low                             15.0 
_refine.ls_d_res_high                            1.6 
_refine.ls_percent_reflns_obs                    98.1 
_refine.ls_R_factor_obs                          0.2240000 
_refine.ls_R_factor_all                          ? 
_refine.ls_R_factor_R_work                       0.2240000 
_refine.ls_R_factor_R_free                       0.2710000 
_refine.ls_R_factor_R_free_error                 ? 
_refine.ls_R_factor_R_free_error_details         ? 
_refine.ls_percent_reflns_R_free                 10 
_refine.ls_number_reflns_R_free                  550 
_refine.ls_number_parameters                     ? 
_refine.ls_number_restraints                     ? 
_refine.occupancy_min                            ? 
_refine.occupancy_max                            ? 
_refine.B_iso_mean                               ? 
_refine.aniso_B[1][1]                            ? 
_refine.aniso_B[2][2]                            ? 
_refine.aniso_B[3][3]                            ? 
_refine.aniso_B[1][2]                            ? 
_refine.aniso_B[1][3]                            ? 
_refine.aniso_B[2][3]                            ? 
_refine.solvent_model_details                    ? 
_refine.solvent_model_param_ksol                 ? 
_refine.solvent_model_param_bsol                 ? 
_refine.pdbx_ls_cross_valid_method               ? 
_refine.details                                  ? 
_refine.pdbx_starting_model                      ? 
_refine.pdbx_method_to_determine_struct          ? 
_refine.pdbx_isotropic_thermal_model             ? 
_refine.pdbx_stereochemistry_target_values       ? 
_refine.pdbx_stereochem_target_val_spec_case     ? 
_refine.pdbx_R_Free_selection_details            ? 
_refine.pdbx_overall_ESU_R                       ? 
_refine.pdbx_overall_ESU_R_Free                  ? 
_refine.overall_SU_ML                            ? 
_refine.overall_SU_B                             ? 
_refine.ls_redundancy_reflns_obs                 ? 
_refine.correlation_coeff_Fo_to_Fc               ? 
_refine.correlation_coeff_Fo_to_Fc_free          ? 
_refine.overall_SU_R_Cruickshank_DPI             ? 
_refine.overall_SU_R_free                        ? 
_refine.pdbx_refine_id                           'X-RAY DIFFRACTION' 
_refine.pdbx_diffrn_id                           1 
_refine.pdbx_TLS_residual_ADP_flag               ? 
_refine.pdbx_solvent_vdw_probe_radii             ? 
_refine.pdbx_solvent_ion_probe_radii             ? 
_refine.pdbx_solvent_shrinkage_radii             ? 
_refine.pdbx_overall_phase_error                 ? 
_refine.pdbx_overall_SU_R_free_Cruickshank_DPI   ? 
_refine.pdbx_overall_SU_R_Blow_DPI               ? 
_refine.pdbx_overall_SU_R_free_Blow_DPI          ? 
# 
_refine_hist.pdbx_refine_id                   'X-RAY DIFFRACTION' 
_refine_hist.cycle_id                         LAST 
_refine_hist.pdbx_number_atoms_protein        0 
_refine_hist.pdbx_number_atoms_nucleic_acid   338 
_refine_hist.pdbx_number_atoms_ligand         1 
_refine_hist.number_atoms_solvent             60 
_refine_hist.number_atoms_total               399 
_refine_hist.d_res_high                       1.6 
_refine_hist.d_res_low                        15.0 
# 
loop_
_refine_ls_restr.type 
_refine_ls_restr.dev_ideal 
_refine_ls_restr.dev_ideal_target 
_refine_ls_restr.weight 
_refine_ls_restr.number 
_refine_ls_restr.pdbx_refine_id 
_refine_ls_restr.pdbx_restraint_function 
x_bond_d                0.023 ? ? ? 'X-RAY DIFFRACTION' ? 
x_bond_d_na             ?     ? ? ? 'X-RAY DIFFRACTION' ? 
x_bond_d_prot           ?     ? ? ? 'X-RAY DIFFRACTION' ? 
x_angle_d               0.046 ? ? ? 'X-RAY DIFFRACTION' ? 
x_angle_d_na            ?     ? ? ? 'X-RAY DIFFRACTION' ? 
x_angle_d_prot          ?     ? ? ? 'X-RAY DIFFRACTION' ? 
x_angle_deg             1.4   ? ? ? 'X-RAY DIFFRACTION' ? 
x_angle_deg_na          ?     ? ? ? 'X-RAY DIFFRACTION' ? 
x_angle_deg_prot        ?     ? ? ? 'X-RAY DIFFRACTION' ? 
x_dihedral_angle_d      ?     ? ? ? 'X-RAY DIFFRACTION' ? 
x_dihedral_angle_d_na   ?     ? ? ? 'X-RAY DIFFRACTION' ? 
x_dihedral_angle_d_prot ?     ? ? ? 'X-RAY DIFFRACTION' ? 
x_improper_angle_d      ?     ? ? ? 'X-RAY DIFFRACTION' ? 
x_improper_angle_d_na   ?     ? ? ? 'X-RAY DIFFRACTION' ? 
x_improper_angle_d_prot ?     ? ? ? 'X-RAY DIFFRACTION' ? 
x_mcbond_it             ?     ? ? ? 'X-RAY DIFFRACTION' ? 
x_mcangle_it            ?     ? ? ? 'X-RAY DIFFRACTION' ? 
x_scbond_it             ?     ? ? ? 'X-RAY DIFFRACTION' ? 
x_scangle_it            ?     ? ? ? 'X-RAY DIFFRACTION' ? 
# 
_struct.entry_id                  439D 
_struct.title                     
;5'-R(*CP*UP*GP*GP*GP*CP*GP*G)-3', 5'-R(*CP*CP*GP*CP*CP*UP*GP*G)-3'
;
_struct.pdbx_model_details        ? 
_struct.pdbx_CASP_flag            ? 
_struct.pdbx_model_type_details   ? 
# 
_struct_keywords.entry_id        439D 
_struct_keywords.pdbx_keywords   RNA 
_struct_keywords.text            'FRAGMENT OF 5S RRNA, A-RNA, RNA' 
# 
loop_
_struct_asym.id 
_struct_asym.pdbx_blank_PDB_chainid_flag 
_struct_asym.pdbx_modified 
_struct_asym.entity_id 
_struct_asym.details 
A N N 1 ? 
B N N 2 ? 
C N N 3 ? 
D N N 4 ? 
E N N 4 ? 
# 
loop_
_struct_ref.id 
_struct_ref.entity_id 
_struct_ref.db_name 
_struct_ref.db_code 
_struct_ref.pdbx_db_accession 
_struct_ref.pdbx_db_isoform 
_struct_ref.pdbx_seq_one_letter_code 
_struct_ref.pdbx_align_begin 
1 1 PDB 439D 439D ? ? ? 
2 2 PDB 439D 439D ? ? ? 
# 
loop_
_struct_ref_seq.align_id 
_struct_ref_seq.ref_id 
_struct_ref_seq.pdbx_PDB_id_code 
_struct_ref_seq.pdbx_strand_id 
_struct_ref_seq.seq_align_beg 
_struct_ref_seq.pdbx_seq_align_beg_ins_code 
_struct_ref_seq.seq_align_end 
_struct_ref_seq.pdbx_seq_align_end_ins_code 
_struct_ref_seq.pdbx_db_accession 
_struct_ref_seq.db_align_beg 
_struct_ref_seq.pdbx_db_align_beg_ins_code 
_struct_ref_seq.db_align_end 
_struct_ref_seq.pdbx_db_align_end_ins_code 
_struct_ref_seq.pdbx_auth_seq_align_beg 
_struct_ref_seq.pdbx_auth_seq_align_end 
1 1 439D A 1 ? 8 ? 439D 79 ? 86 ? 79 86 
2 2 439D B 1 ? 8 ? 439D 90 ? 97 ? 90 97 
# 
_pdbx_struct_assembly.id                   1 
_pdbx_struct_assembly.details              author_defined_assembly 
_pdbx_struct_assembly.method_details       ? 
_pdbx_struct_assembly.oligomeric_details   dimeric 
_pdbx_struct_assembly.oligomeric_count     2 
# 
_pdbx_struct_assembly_gen.assembly_id       1 
_pdbx_struct_assembly_gen.oper_expression   1 
_pdbx_struct_assembly_gen.asym_id_list      A,B,C,D,E 
# 
_pdbx_struct_oper_list.id                   1 
_pdbx_struct_oper_list.type                 'identity operation' 
_pdbx_struct_oper_list.name                 1_555 
_pdbx_struct_oper_list.symmetry_operation   x,y,z 
_pdbx_struct_oper_list.matrix[1][1]         1.0000000000 
_pdbx_struct_oper_list.matrix[1][2]         0.0000000000 
_pdbx_struct_oper_list.matrix[1][3]         0.0000000000 
_pdbx_struct_oper_list.vector[1]            0.0000000000 
_pdbx_struct_oper_list.matrix[2][1]         0.0000000000 
_pdbx_struct_oper_list.matrix[2][2]         1.0000000000 
_pdbx_struct_oper_list.matrix[2][3]         0.0000000000 
_pdbx_struct_oper_list.vector[2]            0.0000000000 
_pdbx_struct_oper_list.matrix[3][1]         0.0000000000 
_pdbx_struct_oper_list.matrix[3][2]         0.0000000000 
_pdbx_struct_oper_list.matrix[3][3]         1.0000000000 
_pdbx_struct_oper_list.vector[3]            0.0000000000 
# 
_struct_biol.id                    1 
_struct_biol.pdbx_parent_biol_id   ? 
_struct_biol.details               ? 
# 
loop_
_struct_conn.id 
_struct_conn.conn_type_id 
_struct_conn.pdbx_leaving_atom_flag 
_struct_conn.pdbx_PDB_id 
_struct_conn.ptnr1_label_asym_id 
_struct_conn.ptnr1_label_comp_id 
_struct_conn.ptnr1_label_seq_id 
_struct_conn.ptnr1_label_atom_id 
_struct_conn.pdbx_ptnr1_label_alt_id 
_struct_conn.pdbx_ptnr1_PDB_ins_code 
_struct_conn.pdbx_ptnr1_standard_comp_id 
_struct_conn.ptnr1_symmetry 
_struct_conn.ptnr2_label_asym_id 
_struct_conn.ptnr2_label_comp_id 
_struct_conn.ptnr2_label_seq_id 
_struct_conn.ptnr2_label_atom_id 
_struct_conn.pdbx_ptnr2_label_alt_id 
_struct_conn.pdbx_ptnr2_PDB_ins_code 
_struct_conn.ptnr1_auth_asym_id 
_struct_conn.ptnr1_auth_comp_id 
_struct_conn.ptnr1_auth_seq_id 
_struct_conn.ptnr2_auth_asym_id 
_struct_conn.ptnr2_auth_comp_id 
_struct_conn.ptnr2_auth_seq_id 
_struct_conn.ptnr2_symmetry 
_struct_conn.pdbx_ptnr3_label_atom_id 
_struct_conn.pdbx_ptnr3_label_seq_id 
_struct_conn.pdbx_ptnr3_label_comp_id 
_struct_conn.pdbx_ptnr3_label_asym_id 
_struct_conn.pdbx_ptnr3_label_alt_id 
_struct_conn.pdbx_ptnr3_PDB_ins_code 
_struct_conn.details 
_struct_conn.pdbx_dist_value 
_struct_conn.pdbx_value_order 
_struct_conn.pdbx_role 
metalc1  metalc ? ? D HOH . O  ? ? ? 1_555 C BA  . BA ? ? A HOH 1   A BA  101 1_555 ? ? ? ? ? ? ?            3.343 ? ? 
metalc2  metalc ? ? D HOH . O  ? ? ? 1_555 C BA  . BA ? ? A HOH 12  A BA  101 1_555 ? ? ? ? ? ? ?            2.618 ? ? 
metalc3  metalc ? ? D HOH . O  ? ? ? 1_555 C BA  . BA ? ? A HOH 13  A BA  101 1_555 ? ? ? ? ? ? ?            2.739 ? ? 
metalc4  metalc ? ? D HOH . O  ? ? ? 1_555 C BA  . BA ? ? A HOH 60  A BA  101 1_555 ? ? ? ? ? ? ?            3.019 ? ? 
metalc5  metalc ? ? A G   3 N7 ? ? ? 1_555 C BA  . BA ? ? A G   81  A BA  101 1_555 ? ? ? ? ? ? ?            3.610 ? ? 
metalc6  metalc ? ? A G   4 N7 ? ? ? 1_555 C BA  . BA ? ? A G   82  A BA  101 1_555 ? ? ? ? ? ? ?            2.749 ? ? 
metalc7  metalc ? ? A G   4 O6 ? ? ? 1_555 C BA  . BA ? ? A G   82  A BA  101 1_555 ? ? ? ? ? ? ?            2.930 ? ? 
metalc8  metalc ? ? C BA  . BA ? ? ? 1_555 E HOH . O  ? ? A BA  101 B HOH 20  1_555 ? ? ? ? ? ? ?            3.501 ? ? 
hydrog1  hydrog ? ? A C   1 N3 ? ? ? 1_555 B G   8 N1 ? ? A C   79  B G   97  1_555 ? ? ? ? ? ? WATSON-CRICK ?     ? ? 
hydrog2  hydrog ? ? A C   1 N4 ? ? ? 1_555 B G   8 O6 ? ? A C   79  B G   97  1_555 ? ? ? ? ? ? WATSON-CRICK ?     ? ? 
hydrog3  hydrog ? ? A C   1 O2 ? ? ? 1_555 B G   8 N2 ? ? A C   79  B G   97  1_555 ? ? ? ? ? ? WATSON-CRICK ?     ? ? 
hydrog4  hydrog ? ? A U   2 N3 ? ? ? 1_555 B G   7 O6 ? ? A U   80  B G   96  1_555 ? ? ? ? ? ? TYPE_28_PAIR ?     ? ? 
hydrog5  hydrog ? ? A U   2 O2 ? ? ? 1_555 B G   7 N1 ? ? A U   80  B G   96  1_555 ? ? ? ? ? ? TYPE_28_PAIR ?     ? ? 
hydrog6  hydrog ? ? A G   3 N1 ? ? ? 1_555 B U   6 O2 ? ? A G   81  B U   95  1_555 ? ? ? ? ? ? TYPE_28_PAIR ?     ? ? 
hydrog7  hydrog ? ? A G   3 O6 ? ? ? 1_555 B U   6 N3 ? ? A G   81  B U   95  1_555 ? ? ? ? ? ? TYPE_28_PAIR ?     ? ? 
hydrog8  hydrog ? ? A G   4 N1 ? ? ? 1_555 B C   5 N3 ? ? A G   82  B C   94  1_555 ? ? ? ? ? ? WATSON-CRICK ?     ? ? 
hydrog9  hydrog ? ? A G   4 N2 ? ? ? 1_555 B C   5 O2 ? ? A G   82  B C   94  1_555 ? ? ? ? ? ? WATSON-CRICK ?     ? ? 
hydrog10 hydrog ? ? A G   4 O6 ? ? ? 1_555 B C   5 N4 ? ? A G   82  B C   94  1_555 ? ? ? ? ? ? WATSON-CRICK ?     ? ? 
hydrog11 hydrog ? ? A G   5 N1 ? ? ? 1_555 B C   4 N3 ? ? A G   83  B C   93  1_555 ? ? ? ? ? ? WATSON-CRICK ?     ? ? 
hydrog12 hydrog ? ? A G   5 N2 ? ? ? 1_555 B C   4 O2 ? ? A G   83  B C   93  1_555 ? ? ? ? ? ? WATSON-CRICK ?     ? ? 
hydrog13 hydrog ? ? A G   5 O6 ? ? ? 1_555 B C   4 N4 ? ? A G   83  B C   93  1_555 ? ? ? ? ? ? WATSON-CRICK ?     ? ? 
hydrog14 hydrog ? ? A C   6 O2 ? ? ? 1_555 B G   3 N1 ? ? A C   84  B G   92  1_555 ? ? ? ? ? ? 'C-G PAIR'   ?     ? ? 
hydrog15 hydrog ? ? A G   7 N1 ? ? ? 1_555 B C   2 N3 ? ? A G   85  B C   91  1_555 ? ? ? ? ? ? WATSON-CRICK ?     ? ? 
hydrog16 hydrog ? ? A G   7 N2 ? ? ? 1_555 B C   2 O2 ? ? A G   85  B C   91  1_555 ? ? ? ? ? ? WATSON-CRICK ?     ? ? 
hydrog17 hydrog ? ? A G   7 O6 ? ? ? 1_555 B C   2 N4 ? ? A G   85  B C   91  1_555 ? ? ? ? ? ? WATSON-CRICK ?     ? ? 
hydrog18 hydrog ? ? A G   8 N1 ? ? ? 1_555 B C   1 N3 ? ? A G   86  B C   90  1_555 ? ? ? ? ? ? WATSON-CRICK ?     ? ? 
hydrog19 hydrog ? ? A G   8 N2 ? ? ? 1_555 B C   1 O2 ? ? A G   86  B C   90  1_555 ? ? ? ? ? ? WATSON-CRICK ?     ? ? 
hydrog20 hydrog ? ? A G   8 O6 ? ? ? 1_555 B C   1 N4 ? ? A G   86  B C   90  1_555 ? ? ? ? ? ? WATSON-CRICK ?     ? ? 
# 
loop_
_struct_conn_type.id 
_struct_conn_type.criteria 
_struct_conn_type.reference 
metalc ? ? 
hydrog ? ? 
# 
loop_
_pdbx_struct_conn_angle.id 
_pdbx_struct_conn_angle.ptnr1_label_atom_id 
_pdbx_struct_conn_angle.ptnr1_label_alt_id 
_pdbx_struct_conn_angle.ptnr1_label_asym_id 
_pdbx_struct_conn_angle.ptnr1_label_comp_id 
_pdbx_struct_conn_angle.ptnr1_label_seq_id 
_pdbx_struct_conn_angle.ptnr1_auth_atom_id 
_pdbx_struct_conn_angle.ptnr1_auth_asym_id 
_pdbx_struct_conn_angle.ptnr1_auth_comp_id 
_pdbx_struct_conn_angle.ptnr1_auth_seq_id 
_pdbx_struct_conn_angle.ptnr1_PDB_ins_code 
_pdbx_struct_conn_angle.ptnr1_symmetry 
_pdbx_struct_conn_angle.ptnr2_label_atom_id 
_pdbx_struct_conn_angle.ptnr2_label_alt_id 
_pdbx_struct_conn_angle.ptnr2_label_asym_id 
_pdbx_struct_conn_angle.ptnr2_label_comp_id 
_pdbx_struct_conn_angle.ptnr2_label_seq_id 
_pdbx_struct_conn_angle.ptnr2_auth_atom_id 
_pdbx_struct_conn_angle.ptnr2_auth_asym_id 
_pdbx_struct_conn_angle.ptnr2_auth_comp_id 
_pdbx_struct_conn_angle.ptnr2_auth_seq_id 
_pdbx_struct_conn_angle.ptnr2_PDB_ins_code 
_pdbx_struct_conn_angle.ptnr2_symmetry 
_pdbx_struct_conn_angle.ptnr3_label_atom_id 
_pdbx_struct_conn_angle.ptnr3_label_alt_id 
_pdbx_struct_conn_angle.ptnr3_label_asym_id 
_pdbx_struct_conn_angle.ptnr3_label_comp_id 
_pdbx_struct_conn_angle.ptnr3_label_seq_id 
_pdbx_struct_conn_angle.ptnr3_auth_atom_id 
_pdbx_struct_conn_angle.ptnr3_auth_asym_id 
_pdbx_struct_conn_angle.ptnr3_auth_comp_id 
_pdbx_struct_conn_angle.ptnr3_auth_seq_id 
_pdbx_struct_conn_angle.ptnr3_PDB_ins_code 
_pdbx_struct_conn_angle.ptnr3_symmetry 
_pdbx_struct_conn_angle.value 
_pdbx_struct_conn_angle.value_esd 
1  O  ? D HOH . ? A HOH 1  ? 1_555 BA ? C BA . ? A BA 101 ? 1_555 O  ? D HOH . ? A HOH 12 ? 1_555 64.7  ? 
2  O  ? D HOH . ? A HOH 1  ? 1_555 BA ? C BA . ? A BA 101 ? 1_555 O  ? D HOH . ? A HOH 13 ? 1_555 136.4 ? 
3  O  ? D HOH . ? A HOH 12 ? 1_555 BA ? C BA . ? A BA 101 ? 1_555 O  ? D HOH . ? A HOH 13 ? 1_555 78.0  ? 
4  O  ? D HOH . ? A HOH 1  ? 1_555 BA ? C BA . ? A BA 101 ? 1_555 O  ? D HOH . ? A HOH 60 ? 1_555 75.7  ? 
5  O  ? D HOH . ? A HOH 12 ? 1_555 BA ? C BA . ? A BA 101 ? 1_555 O  ? D HOH . ? A HOH 60 ? 1_555 64.4  ? 
6  O  ? D HOH . ? A HOH 13 ? 1_555 BA ? C BA . ? A BA 101 ? 1_555 O  ? D HOH . ? A HOH 60 ? 1_555 68.0  ? 
7  O  ? D HOH . ? A HOH 1  ? 1_555 BA ? C BA . ? A BA 101 ? 1_555 N7 ? A G   3 ? A G   81 ? 1_555 133.0 ? 
8  O  ? D HOH . ? A HOH 12 ? 1_555 BA ? C BA . ? A BA 101 ? 1_555 N7 ? A G   3 ? A G   81 ? 1_555 131.6 ? 
9  O  ? D HOH . ? A HOH 13 ? 1_555 BA ? C BA . ? A BA 101 ? 1_555 N7 ? A G   3 ? A G   81 ? 1_555 60.5  ? 
10 O  ? D HOH . ? A HOH 60 ? 1_555 BA ? C BA . ? A BA 101 ? 1_555 N7 ? A G   3 ? A G   81 ? 1_555 76.9  ? 
11 O  ? D HOH . ? A HOH 1  ? 1_555 BA ? C BA . ? A BA 101 ? 1_555 N7 ? A G   4 ? A G   82 ? 1_555 72.0  ? 
12 O  ? D HOH . ? A HOH 12 ? 1_555 BA ? C BA . ? A BA 101 ? 1_555 N7 ? A G   4 ? A G   82 ? 1_555 128.3 ? 
13 O  ? D HOH . ? A HOH 13 ? 1_555 BA ? C BA . ? A BA 101 ? 1_555 N7 ? A G   4 ? A G   82 ? 1_555 121.4 ? 
14 O  ? D HOH . ? A HOH 60 ? 1_555 BA ? C BA . ? A BA 101 ? 1_555 N7 ? A G   4 ? A G   82 ? 1_555 79.0  ? 
15 N7 ? A G   3 ? A G   81 ? 1_555 BA ? C BA . ? A BA 101 ? 1_555 N7 ? A G   4 ? A G   82 ? 1_555 65.7  ? 
16 O  ? D HOH . ? A HOH 1  ? 1_555 BA ? C BA . ? A BA 101 ? 1_555 O6 ? A G   4 ? A G   82 ? 1_555 80.3  ? 
17 O  ? D HOH . ? A HOH 12 ? 1_555 BA ? C BA . ? A BA 101 ? 1_555 O6 ? A G   4 ? A G   82 ? 1_555 129.9 ? 
18 O  ? D HOH . ? A HOH 13 ? 1_555 BA ? C BA . ? A BA 101 ? 1_555 O6 ? A G   4 ? A G   82 ? 1_555 143.3 ? 
19 O  ? D HOH . ? A HOH 60 ? 1_555 BA ? C BA . ? A BA 101 ? 1_555 O6 ? A G   4 ? A G   82 ? 1_555 140.8 ? 
20 N7 ? A G   3 ? A G   81 ? 1_555 BA ? C BA . ? A BA 101 ? 1_555 O6 ? A G   4 ? A G   82 ? 1_555 98.5  ? 
21 N7 ? A G   4 ? A G   82 ? 1_555 BA ? C BA . ? A BA 101 ? 1_555 O6 ? A G   4 ? A G   82 ? 1_555 64.2  ? 
22 O  ? D HOH . ? A HOH 1  ? 1_555 BA ? C BA . ? A BA 101 ? 1_555 O  ? E HOH . ? B HOH 20 ? 1_555 131.6 ? 
23 O  ? D HOH . ? A HOH 12 ? 1_555 BA ? C BA . ? A BA 101 ? 1_555 O  ? E HOH . ? B HOH 20 ? 1_555 110.4 ? 
24 O  ? D HOH . ? A HOH 13 ? 1_555 BA ? C BA . ? A BA 101 ? 1_555 O  ? E HOH . ? B HOH 20 ? 1_555 81.2  ? 
25 O  ? D HOH . ? A HOH 60 ? 1_555 BA ? C BA . ? A BA 101 ? 1_555 O  ? E HOH . ? B HOH 20 ? 1_555 149.2 ? 
26 N7 ? A G   3 ? A G   81 ? 1_555 BA ? C BA . ? A BA 101 ? 1_555 O  ? E HOH . ? B HOH 20 ? 1_555 88.2  ? 
27 N7 ? A G   4 ? A G   82 ? 1_555 BA ? C BA . ? A BA 101 ? 1_555 O  ? E HOH . ? B HOH 20 ? 1_555 119.3 ? 
28 O6 ? A G   4 ? A G   82 ? 1_555 BA ? C BA . ? A BA 101 ? 1_555 O  ? E HOH . ? B HOH 20 ? 1_555 67.4  ? 
# 
_struct_site.id                   AC1 
_struct_site.pdbx_evidence_code   Software 
_struct_site.pdbx_auth_asym_id    A 
_struct_site.pdbx_auth_comp_id    BA 
_struct_site.pdbx_auth_seq_id     101 
_struct_site.pdbx_auth_ins_code   ? 
_struct_site.pdbx_num_residues    5 
_struct_site.details              'BINDING SITE FOR RESIDUE BA A 101' 
# 
loop_
_struct_site_gen.id 
_struct_site_gen.site_id 
_struct_site_gen.pdbx_num_res 
_struct_site_gen.label_comp_id 
_struct_site_gen.label_asym_id 
_struct_site_gen.label_seq_id 
_struct_site_gen.pdbx_auth_ins_code 
_struct_site_gen.auth_comp_id 
_struct_site_gen.auth_asym_id 
_struct_site_gen.auth_seq_id 
_struct_site_gen.label_atom_id 
_struct_site_gen.label_alt_id 
_struct_site_gen.symmetry 
_struct_site_gen.details 
1 AC1 5 HOH D . ? HOH A 12 . ? 1_555 ? 
2 AC1 5 HOH D . ? HOH A 13 . ? 1_555 ? 
3 AC1 5 HOH D . ? HOH A 60 . ? 1_555 ? 
4 AC1 5 G   A 3 ? G   A 81 . ? 1_555 ? 
5 AC1 5 G   A 4 ? G   A 82 . ? 1_555 ? 
# 
loop_
_pdbx_validate_close_contact.id 
_pdbx_validate_close_contact.PDB_model_num 
_pdbx_validate_close_contact.auth_atom_id_1 
_pdbx_validate_close_contact.auth_asym_id_1 
_pdbx_validate_close_contact.auth_comp_id_1 
_pdbx_validate_close_contact.auth_seq_id_1 
_pdbx_validate_close_contact.PDB_ins_code_1 
_pdbx_validate_close_contact.label_alt_id_1 
_pdbx_validate_close_contact.auth_atom_id_2 
_pdbx_validate_close_contact.auth_asym_id_2 
_pdbx_validate_close_contact.auth_comp_id_2 
_pdbx_validate_close_contact.auth_seq_id_2 
_pdbx_validate_close_contact.PDB_ins_code_2 
_pdbx_validate_close_contact.label_alt_id_2 
_pdbx_validate_close_contact.dist 
1 1 O A HOH 39 ? ? O A HOH 45 ? ? 1.83 
2 1 O B HOH 3  ? ? O B HOH 49 ? ? 1.94 
# 
loop_
_pdbx_validate_symm_contact.id 
_pdbx_validate_symm_contact.PDB_model_num 
_pdbx_validate_symm_contact.auth_atom_id_1 
_pdbx_validate_symm_contact.auth_asym_id_1 
_pdbx_validate_symm_contact.auth_comp_id_1 
_pdbx_validate_symm_contact.auth_seq_id_1 
_pdbx_validate_symm_contact.PDB_ins_code_1 
_pdbx_validate_symm_contact.label_alt_id_1 
_pdbx_validate_symm_contact.site_symmetry_1 
_pdbx_validate_symm_contact.auth_atom_id_2 
_pdbx_validate_symm_contact.auth_asym_id_2 
_pdbx_validate_symm_contact.auth_comp_id_2 
_pdbx_validate_symm_contact.auth_seq_id_2 
_pdbx_validate_symm_contact.PDB_ins_code_2 
_pdbx_validate_symm_contact.label_alt_id_2 
_pdbx_validate_symm_contact.site_symmetry_2 
_pdbx_validate_symm_contact.dist 
1 1 O B HOH 25 ? ? 1_555 O B HOH 25 ? ? 18_655 1.71 
2 1 O A HOH 32 ? ? 1_555 O B HOH 33 ? ? 3_675  2.17 
# 
loop_
_pdbx_validate_rmsd_bond.id 
_pdbx_validate_rmsd_bond.PDB_model_num 
_pdbx_validate_rmsd_bond.auth_atom_id_1 
_pdbx_validate_rmsd_bond.auth_asym_id_1 
_pdbx_validate_rmsd_bond.auth_comp_id_1 
_pdbx_validate_rmsd_bond.auth_seq_id_1 
_pdbx_validate_rmsd_bond.PDB_ins_code_1 
_pdbx_validate_rmsd_bond.label_alt_id_1 
_pdbx_validate_rmsd_bond.auth_atom_id_2 
_pdbx_validate_rmsd_bond.auth_asym_id_2 
_pdbx_validate_rmsd_bond.auth_comp_id_2 
_pdbx_validate_rmsd_bond.auth_seq_id_2 
_pdbx_validate_rmsd_bond.PDB_ins_code_2 
_pdbx_validate_rmsd_bond.label_alt_id_2 
_pdbx_validate_rmsd_bond.bond_value 
_pdbx_validate_rmsd_bond.bond_target_value 
_pdbx_validate_rmsd_bond.bond_deviation 
_pdbx_validate_rmsd_bond.bond_standard_deviation 
_pdbx_validate_rmsd_bond.linker_flag 
1 1 N1 A U 80 ? ? C2 A U 80 ? ? 1.447 1.381 0.066  0.009 N 
2 1 C4 A G 81 ? ? C5 A G 81 ? ? 1.335 1.379 -0.044 0.007 N 
# 
loop_
_pdbx_validate_rmsd_angle.id 
_pdbx_validate_rmsd_angle.PDB_model_num 
_pdbx_validate_rmsd_angle.auth_atom_id_1 
_pdbx_validate_rmsd_angle.auth_asym_id_1 
_pdbx_validate_rmsd_angle.auth_comp_id_1 
_pdbx_validate_rmsd_angle.auth_seq_id_1 
_pdbx_validate_rmsd_angle.PDB_ins_code_1 
_pdbx_validate_rmsd_angle.label_alt_id_1 
_pdbx_validate_rmsd_angle.auth_atom_id_2 
_pdbx_validate_rmsd_angle.auth_asym_id_2 
_pdbx_validate_rmsd_angle.auth_comp_id_2 
_pdbx_validate_rmsd_angle.auth_seq_id_2 
_pdbx_validate_rmsd_angle.PDB_ins_code_2 
_pdbx_validate_rmsd_angle.label_alt_id_2 
_pdbx_validate_rmsd_angle.auth_atom_id_3 
_pdbx_validate_rmsd_angle.auth_asym_id_3 
_pdbx_validate_rmsd_angle.auth_comp_id_3 
_pdbx_validate_rmsd_angle.auth_seq_id_3 
_pdbx_validate_rmsd_angle.PDB_ins_code_3 
_pdbx_validate_rmsd_angle.label_alt_id_3 
_pdbx_validate_rmsd_angle.angle_value 
_pdbx_validate_rmsd_angle.angle_target_value 
_pdbx_validate_rmsd_angle.angle_deviation 
_pdbx_validate_rmsd_angle.angle_standard_deviation 
_pdbx_validate_rmsd_angle.linker_flag 
1  1 C2    A C 79 ? ? N3    A C 79 ? ? C4    A C 79 ? ? 123.70 119.90 3.80   0.50 N 
2  1 N3    A C 79 ? ? C4    A C 79 ? ? C5    A C 79 ? ? 119.34 121.90 -2.56  0.40 N 
3  1 N1    A C 79 ? ? C2    A C 79 ? ? O2    A C 79 ? ? 114.99 118.90 -3.91  0.60 N 
4  1 N3    A C 79 ? ? C2    A C 79 ? ? O2    A C 79 ? ? 126.37 121.90 4.47   0.70 N 
5  1 N1    A U 80 ? ? C2    A U 80 ? ? N3    A U 80 ? ? 109.42 114.90 -5.48  0.60 N 
6  1 C2    A U 80 ? ? N3    A U 80 ? ? C4    A U 80 ? ? 133.98 127.00 6.98   0.60 N 
7  1 C5    A U 80 ? ? C6    A U 80 ? ? N1    A U 80 ? ? 126.47 122.70 3.77   0.50 N 
8  1 N1    A U 80 ? ? C2    A U 80 ? ? O2    A U 80 ? ? 111.89 122.80 -10.91 0.70 N 
9  1 N3    A U 80 ? ? C2    A U 80 ? ? O2    A U 80 ? ? 138.66 122.20 16.46  0.70 N 
10 1 N3    A U 80 ? ? C4    A U 80 ? ? O4    A U 80 ? ? 125.13 119.40 5.73   0.70 N 
11 1 C5    A U 80 ? ? C4    A U 80 ? ? O4    A U 80 ? ? 121.95 125.90 -3.95  0.60 N 
12 1 "C3'" A G 81 ? ? "C2'" A G 81 ? ? "C1'" A G 81 ? ? 95.91  101.30 -5.39  0.70 N 
13 1 C6    A G 81 ? ? N1    A G 81 ? ? C2    A G 81 ? ? 129.36 125.10 4.26   0.60 N 
14 1 N1    A G 81 ? ? C2    A G 81 ? ? N3    A G 81 ? ? 120.15 123.90 -3.75  0.60 N 
15 1 N3    A G 81 ? ? C4    A G 81 ? ? C5    A G 81 ? ? 131.65 128.60 3.05   0.50 N 
16 1 C5    A G 81 ? ? C6    A G 81 ? ? N1    A G 81 ? ? 108.47 111.50 -3.03  0.50 N 
17 1 C4    A G 81 ? ? C5    A G 81 ? ? N7    A G 81 ? ? 115.23 110.80 4.43   0.40 N 
18 1 C6    A G 81 ? ? C5    A G 81 ? ? N7    A G 81 ? ? 126.78 130.40 -3.62  0.60 N 
19 1 N1    A G 81 ? ? C6    A G 81 ? ? O6    A G 81 ? ? 128.97 119.90 9.07   0.60 N 
20 1 C5    A G 81 ? ? C6    A G 81 ? ? O6    A G 81 ? ? 121.89 128.60 -6.71  0.60 N 
21 1 "C3'" A G 82 ? ? "C2'" A G 82 ? ? "C1'" A G 82 ? ? 96.81  101.30 -4.49  0.70 N 
22 1 N7    A G 82 ? ? C8    A G 82 ? ? N9    A G 82 ? ? 116.45 113.10 3.35   0.50 N 
23 1 N3    A G 83 ? ? C4    A G 83 ? ? C5    A G 83 ? ? 132.29 128.60 3.69   0.50 N 
24 1 N1    A G 83 ? ? C6    A G 83 ? ? O6    A G 83 ? ? 128.19 119.90 8.29   0.60 N 
25 1 C5    A G 83 ? ? C6    A G 83 ? ? O6    A G 83 ? ? 120.47 128.60 -8.13  0.60 N 
26 1 "C3'" A C 84 ? ? "C2'" A C 84 ? ? "C1'" A C 84 ? ? 96.33  101.30 -4.97  0.70 N 
27 1 C6    A C 84 ? ? N1    A C 84 ? ? C2    A C 84 ? ? 116.51 120.30 -3.79  0.40 N 
28 1 C2    A C 84 ? ? N3    A C 84 ? ? C4    A C 84 ? ? 123.16 119.90 3.26   0.50 N 
29 1 N3    A C 84 ? ? C4    A C 84 ? ? C5    A C 84 ? ? 117.43 121.90 -4.47  0.40 N 
30 1 C5    A C 84 ? ? C6    A C 84 ? ? N1    A C 84 ? ? 124.48 121.00 3.48   0.50 N 
31 1 N1    A C 84 ? ? C2    A C 84 ? ? O2    A C 84 ? ? 112.95 118.90 -5.95  0.60 N 
32 1 N3    A C 84 ? ? C2    A C 84 ? ? O2    A C 84 ? ? 127.08 121.90 5.18   0.70 N 
33 1 "O4'" A G 85 ? ? "C4'" A G 85 ? ? "C3'" A G 85 ? ? 97.30  104.00 -6.70  1.00 N 
34 1 "C3'" A G 85 ? ? "C2'" A G 85 ? ? "C1'" A G 85 ? ? 96.23  101.30 -5.07  0.70 N 
35 1 C5    A G 85 ? ? C6    A G 85 ? ? O6    A G 85 ? ? 132.66 128.60 4.06   0.60 N 
36 1 "C3'" A G 85 ? ? "O3'" A G 85 ? ? P     A G 86 ? ? 128.80 119.70 9.10   1.20 Y 
37 1 "C3'" B C 90 ? ? "O3'" B C 90 ? ? P     B C 91 ? ? 134.84 119.70 15.14  1.20 Y 
38 1 "C3'" B C 91 ? ? "C2'" B C 91 ? ? "C1'" B C 91 ? ? 95.92  101.30 -5.38  0.70 N 
39 1 C2    B C 91 ? ? N3    B C 91 ? ? C4    B C 91 ? ? 123.63 119.90 3.73   0.50 N 
40 1 C5    B C 91 ? ? C6    B C 91 ? ? N1    B C 91 ? ? 124.68 121.00 3.68   0.50 N 
41 1 N1    B C 91 ? ? C2    B C 91 ? ? O2    B C 91 ? ? 114.25 118.90 -4.65  0.60 N 
42 1 N3    B C 91 ? ? C2    B C 91 ? ? O2    B C 91 ? ? 128.95 121.90 7.05   0.70 N 
43 1 N3    B C 91 ? ? C4    B C 91 ? ? N4    B C 91 ? ? 124.31 118.00 6.31   0.70 N 
44 1 C5    B C 91 ? ? C4    B C 91 ? ? N4    B C 91 ? ? 114.47 120.20 -5.73  0.70 N 
45 1 "C3'" B C 91 ? ? "O3'" B C 91 ? ? P     B G 92 ? ? 137.27 119.70 17.57  1.20 Y 
46 1 C5    B G 92 ? ? C6    B G 92 ? ? O6    B G 92 ? ? 124.02 128.60 -4.58  0.60 N 
47 1 "O3'" B G 92 ? ? P     B C 93 ? ? OP2   B C 93 ? ? 118.63 110.50 8.13   1.10 Y 
48 1 "C3'" B C 93 ? ? "C2'" B C 93 ? ? "C1'" B C 93 ? ? 96.60  101.30 -4.70  0.70 N 
49 1 N1    B C 93 ? ? C2    B C 93 ? ? O2    B C 93 ? ? 122.62 118.90 3.72   0.60 N 
50 1 N3    B C 93 ? ? C2    B C 93 ? ? O2    B C 93 ? ? 117.53 121.90 -4.37  0.70 N 
51 1 N3    B C 93 ? ? C4    B C 93 ? ? N4    B C 93 ? ? 112.97 118.00 -5.03  0.70 N 
52 1 C5    B C 93 ? ? C4    B C 93 ? ? N4    B C 93 ? ? 126.53 120.20 6.33   0.70 N 
53 1 "O3'" B C 93 ? ? P     B C 94 ? ? OP2   B C 94 ? ? 118.73 110.50 8.23   1.10 Y 
54 1 C5    B C 94 ? ? C4    B C 94 ? ? N4    B C 94 ? ? 124.77 120.20 4.57   0.70 N 
# 
loop_
_pdbx_struct_special_symmetry.id 
_pdbx_struct_special_symmetry.PDB_model_num 
_pdbx_struct_special_symmetry.auth_asym_id 
_pdbx_struct_special_symmetry.auth_comp_id 
_pdbx_struct_special_symmetry.auth_seq_id 
_pdbx_struct_special_symmetry.PDB_ins_code 
_pdbx_struct_special_symmetry.label_asym_id 
_pdbx_struct_special_symmetry.label_comp_id 
_pdbx_struct_special_symmetry.label_seq_id 
1 1 A HOH 10 ? D HOH . 
2 1 A HOH 54 ? D HOH . 
3 1 B HOH 16 ? E HOH . 
4 1 B HOH 31 ? E HOH . 
5 1 B HOH 55 ? E HOH . 
# 
loop_
_chem_comp_atom.comp_id 
_chem_comp_atom.atom_id 
_chem_comp_atom.type_symbol 
_chem_comp_atom.pdbx_aromatic_flag 
_chem_comp_atom.pdbx_stereo_config 
_chem_comp_atom.pdbx_ordinal 
BA  BA     BA N N 1   
C   OP3    O  N N 2   
C   P      P  N N 3   
C   OP1    O  N N 4   
C   OP2    O  N N 5   
C   "O5'"  O  N N 6   
C   "C5'"  C  N N 7   
C   "C4'"  C  N R 8   
C   "O4'"  O  N N 9   
C   "C3'"  C  N S 10  
C   "O3'"  O  N N 11  
C   "C2'"  C  N R 12  
C   "O2'"  O  N N 13  
C   "C1'"  C  N R 14  
C   N1     N  N N 15  
C   C2     C  N N 16  
C   O2     O  N N 17  
C   N3     N  N N 18  
C   C4     C  N N 19  
C   N4     N  N N 20  
C   C5     C  N N 21  
C   C6     C  N N 22  
C   HOP3   H  N N 23  
C   HOP2   H  N N 24  
C   "H5'"  H  N N 25  
C   "H5''" H  N N 26  
C   "H4'"  H  N N 27  
C   "H3'"  H  N N 28  
C   "HO3'" H  N N 29  
C   "H2'"  H  N N 30  
C   "HO2'" H  N N 31  
C   "H1'"  H  N N 32  
C   H41    H  N N 33  
C   H42    H  N N 34  
C   H5     H  N N 35  
C   H6     H  N N 36  
G   OP3    O  N N 37  
G   P      P  N N 38  
G   OP1    O  N N 39  
G   OP2    O  N N 40  
G   "O5'"  O  N N 41  
G   "C5'"  C  N N 42  
G   "C4'"  C  N R 43  
G   "O4'"  O  N N 44  
G   "C3'"  C  N S 45  
G   "O3'"  O  N N 46  
G   "C2'"  C  N R 47  
G   "O2'"  O  N N 48  
G   "C1'"  C  N R 49  
G   N9     N  Y N 50  
G   C8     C  Y N 51  
G   N7     N  Y N 52  
G   C5     C  Y N 53  
G   C6     C  N N 54  
G   O6     O  N N 55  
G   N1     N  N N 56  
G   C2     C  N N 57  
G   N2     N  N N 58  
G   N3     N  N N 59  
G   C4     C  Y N 60  
G   HOP3   H  N N 61  
G   HOP2   H  N N 62  
G   "H5'"  H  N N 63  
G   "H5''" H  N N 64  
G   "H4'"  H  N N 65  
G   "H3'"  H  N N 66  
G   "HO3'" H  N N 67  
G   "H2'"  H  N N 68  
G   "HO2'" H  N N 69  
G   "H1'"  H  N N 70  
G   H8     H  N N 71  
G   H1     H  N N 72  
G   H21    H  N N 73  
G   H22    H  N N 74  
HOH O      O  N N 75  
HOH H1     H  N N 76  
HOH H2     H  N N 77  
U   OP3    O  N N 78  
U   P      P  N N 79  
U   OP1    O  N N 80  
U   OP2    O  N N 81  
U   "O5'"  O  N N 82  
U   "C5'"  C  N N 83  
U   "C4'"  C  N R 84  
U   "O4'"  O  N N 85  
U   "C3'"  C  N S 86  
U   "O3'"  O  N N 87  
U   "C2'"  C  N R 88  
U   "O2'"  O  N N 89  
U   "C1'"  C  N R 90  
U   N1     N  N N 91  
U   C2     C  N N 92  
U   O2     O  N N 93  
U   N3     N  N N 94  
U   C4     C  N N 95  
U   O4     O  N N 96  
U   C5     C  N N 97  
U   C6     C  N N 98  
U   HOP3   H  N N 99  
U   HOP2   H  N N 100 
U   "H5'"  H  N N 101 
U   "H5''" H  N N 102 
U   "H4'"  H  N N 103 
U   "H3'"  H  N N 104 
U   "HO3'" H  N N 105 
U   "H2'"  H  N N 106 
U   "HO2'" H  N N 107 
U   "H1'"  H  N N 108 
U   H3     H  N N 109 
U   H5     H  N N 110 
U   H6     H  N N 111 
# 
loop_
_chem_comp_bond.comp_id 
_chem_comp_bond.atom_id_1 
_chem_comp_bond.atom_id_2 
_chem_comp_bond.value_order 
_chem_comp_bond.pdbx_aromatic_flag 
_chem_comp_bond.pdbx_stereo_config 
_chem_comp_bond.pdbx_ordinal 
C   OP3   P      sing N N 1   
C   OP3   HOP3   sing N N 2   
C   P     OP1    doub N N 3   
C   P     OP2    sing N N 4   
C   P     "O5'"  sing N N 5   
C   OP2   HOP2   sing N N 6   
C   "O5'" "C5'"  sing N N 7   
C   "C5'" "C4'"  sing N N 8   
C   "C5'" "H5'"  sing N N 9   
C   "C5'" "H5''" sing N N 10  
C   "C4'" "O4'"  sing N N 11  
C   "C4'" "C3'"  sing N N 12  
C   "C4'" "H4'"  sing N N 13  
C   "O4'" "C1'"  sing N N 14  
C   "C3'" "O3'"  sing N N 15  
C   "C3'" "C2'"  sing N N 16  
C   "C3'" "H3'"  sing N N 17  
C   "O3'" "HO3'" sing N N 18  
C   "C2'" "O2'"  sing N N 19  
C   "C2'" "C1'"  sing N N 20  
C   "C2'" "H2'"  sing N N 21  
C   "O2'" "HO2'" sing N N 22  
C   "C1'" N1     sing N N 23  
C   "C1'" "H1'"  sing N N 24  
C   N1    C2     sing N N 25  
C   N1    C6     sing N N 26  
C   C2    O2     doub N N 27  
C   C2    N3     sing N N 28  
C   N3    C4     doub N N 29  
C   C4    N4     sing N N 30  
C   C4    C5     sing N N 31  
C   N4    H41    sing N N 32  
C   N4    H42    sing N N 33  
C   C5    C6     doub N N 34  
C   C5    H5     sing N N 35  
C   C6    H6     sing N N 36  
G   OP3   P      sing N N 37  
G   OP3   HOP3   sing N N 38  
G   P     OP1    doub N N 39  
G   P     OP2    sing N N 40  
G   P     "O5'"  sing N N 41  
G   OP2   HOP2   sing N N 42  
G   "O5'" "C5'"  sing N N 43  
G   "C5'" "C4'"  sing N N 44  
G   "C5'" "H5'"  sing N N 45  
G   "C5'" "H5''" sing N N 46  
G   "C4'" "O4'"  sing N N 47  
G   "C4'" "C3'"  sing N N 48  
G   "C4'" "H4'"  sing N N 49  
G   "O4'" "C1'"  sing N N 50  
G   "C3'" "O3'"  sing N N 51  
G   "C3'" "C2'"  sing N N 52  
G   "C3'" "H3'"  sing N N 53  
G   "O3'" "HO3'" sing N N 54  
G   "C2'" "O2'"  sing N N 55  
G   "C2'" "C1'"  sing N N 56  
G   "C2'" "H2'"  sing N N 57  
G   "O2'" "HO2'" sing N N 58  
G   "C1'" N9     sing N N 59  
G   "C1'" "H1'"  sing N N 60  
G   N9    C8     sing Y N 61  
G   N9    C4     sing Y N 62  
G   C8    N7     doub Y N 63  
G   C8    H8     sing N N 64  
G   N7    C5     sing Y N 65  
G   C5    C6     sing N N 66  
G   C5    C4     doub Y N 67  
G   C6    O6     doub N N 68  
G   C6    N1     sing N N 69  
G   N1    C2     sing N N 70  
G   N1    H1     sing N N 71  
G   C2    N2     sing N N 72  
G   C2    N3     doub N N 73  
G   N2    H21    sing N N 74  
G   N2    H22    sing N N 75  
G   N3    C4     sing N N 76  
HOH O     H1     sing N N 77  
HOH O     H2     sing N N 78  
U   OP3   P      sing N N 79  
U   OP3   HOP3   sing N N 80  
U   P     OP1    doub N N 81  
U   P     OP2    sing N N 82  
U   P     "O5'"  sing N N 83  
U   OP2   HOP2   sing N N 84  
U   "O5'" "C5'"  sing N N 85  
U   "C5'" "C4'"  sing N N 86  
U   "C5'" "H5'"  sing N N 87  
U   "C5'" "H5''" sing N N 88  
U   "C4'" "O4'"  sing N N 89  
U   "C4'" "C3'"  sing N N 90  
U   "C4'" "H4'"  sing N N 91  
U   "O4'" "C1'"  sing N N 92  
U   "C3'" "O3'"  sing N N 93  
U   "C3'" "C2'"  sing N N 94  
U   "C3'" "H3'"  sing N N 95  
U   "O3'" "HO3'" sing N N 96  
U   "C2'" "O2'"  sing N N 97  
U   "C2'" "C1'"  sing N N 98  
U   "C2'" "H2'"  sing N N 99  
U   "O2'" "HO2'" sing N N 100 
U   "C1'" N1     sing N N 101 
U   "C1'" "H1'"  sing N N 102 
U   N1    C2     sing N N 103 
U   N1    C6     sing N N 104 
U   C2    O2     doub N N 105 
U   C2    N3     sing N N 106 
U   N3    C4     sing N N 107 
U   N3    H3     sing N N 108 
U   C4    O4     doub N N 109 
U   C4    C5     sing N N 110 
U   C5    C6     doub N N 111 
U   C5    H5     sing N N 112 
U   C6    H6     sing N N 113 
# 
loop_
_ndb_struct_conf_na.entry_id 
_ndb_struct_conf_na.feature 
439D 'double helix'         
439D 'a-form double helix'  
439D 'mismatched base pair' 
# 
loop_
_ndb_struct_na_base_pair.model_number 
_ndb_struct_na_base_pair.i_label_asym_id 
_ndb_struct_na_base_pair.i_label_comp_id 
_ndb_struct_na_base_pair.i_label_seq_id 
_ndb_struct_na_base_pair.i_symmetry 
_ndb_struct_na_base_pair.j_label_asym_id 
_ndb_struct_na_base_pair.j_label_comp_id 
_ndb_struct_na_base_pair.j_label_seq_id 
_ndb_struct_na_base_pair.j_symmetry 
_ndb_struct_na_base_pair.shear 
_ndb_struct_na_base_pair.stretch 
_ndb_struct_na_base_pair.stagger 
_ndb_struct_na_base_pair.buckle 
_ndb_struct_na_base_pair.propeller 
_ndb_struct_na_base_pair.opening 
_ndb_struct_na_base_pair.pair_number 
_ndb_struct_na_base_pair.pair_name 
_ndb_struct_na_base_pair.i_auth_asym_id 
_ndb_struct_na_base_pair.i_auth_seq_id 
_ndb_struct_na_base_pair.i_PDB_ins_code 
_ndb_struct_na_base_pair.j_auth_asym_id 
_ndb_struct_na_base_pair.j_auth_seq_id 
_ndb_struct_na_base_pair.j_PDB_ins_code 
_ndb_struct_na_base_pair.hbond_type_28 
_ndb_struct_na_base_pair.hbond_type_12 
1 A C 1 1_555 B G 8 1_555 0.241  -0.216 -0.050 6.685  -6.826  -1.672  1 A_C79:G97_B A 79 ? B 97 ? 19 1 
1 A U 2 1_555 B G 7 1_555 1.578  -0.363 -0.050 12.077 -19.650 -0.281  2 A_U80:G96_B A 80 ? B 96 ? 28 1 
1 A G 3 1_555 B U 6 1_555 -2.189 -0.746 0.011  -1.932 -8.480  -12.994 3 A_G81:U95_B A 81 ? B 95 ? 28 ? 
1 A G 4 1_555 B C 5 1_555 -0.109 -0.299 -0.086 -4.884 -8.003  -6.412  4 A_G82:C94_B A 82 ? B 94 ? 19 1 
1 A G 5 1_555 B C 4 1_555 0.001  -0.114 0.079  -5.373 -10.212 2.816   5 A_G83:C93_B A 83 ? B 93 ? 19 1 
1 A C 6 1_555 B G 3 1_555 2.134  -0.532 -0.047 1.276  -11.186 -1.850  6 A_C84:G92_B A 84 ? B 92 ? ?  ? 
1 A G 7 1_555 B C 2 1_555 -1.092 -0.401 -0.016 -4.102 -13.546 1.155   7 A_G85:C91_B A 85 ? B 91 ? 19 1 
1 A G 8 1_555 B C 1 1_555 -0.314 -0.110 -0.172 -9.233 -12.580 -0.796  8 A_G86:C90_B A 86 ? B 90 ? 19 1 
# 
loop_
_ndb_struct_na_base_pair_step.model_number 
_ndb_struct_na_base_pair_step.i_label_asym_id_1 
_ndb_struct_na_base_pair_step.i_label_comp_id_1 
_ndb_struct_na_base_pair_step.i_label_seq_id_1 
_ndb_struct_na_base_pair_step.i_symmetry_1 
_ndb_struct_na_base_pair_step.j_label_asym_id_1 
_ndb_struct_na_base_pair_step.j_label_comp_id_1 
_ndb_struct_na_base_pair_step.j_label_seq_id_1 
_ndb_struct_na_base_pair_step.j_symmetry_1 
_ndb_struct_na_base_pair_step.i_label_asym_id_2 
_ndb_struct_na_base_pair_step.i_label_comp_id_2 
_ndb_struct_na_base_pair_step.i_label_seq_id_2 
_ndb_struct_na_base_pair_step.i_symmetry_2 
_ndb_struct_na_base_pair_step.j_label_asym_id_2 
_ndb_struct_na_base_pair_step.j_label_comp_id_2 
_ndb_struct_na_base_pair_step.j_label_seq_id_2 
_ndb_struct_na_base_pair_step.j_symmetry_2 
_ndb_struct_na_base_pair_step.shift 
_ndb_struct_na_base_pair_step.slide 
_ndb_struct_na_base_pair_step.rise 
_ndb_struct_na_base_pair_step.tilt 
_ndb_struct_na_base_pair_step.roll 
_ndb_struct_na_base_pair_step.twist 
_ndb_struct_na_base_pair_step.x_displacement 
_ndb_struct_na_base_pair_step.y_displacement 
_ndb_struct_na_base_pair_step.helical_rise 
_ndb_struct_na_base_pair_step.inclination 
_ndb_struct_na_base_pair_step.tip 
_ndb_struct_na_base_pair_step.helical_twist 
_ndb_struct_na_base_pair_step.step_number 
_ndb_struct_na_base_pair_step.step_name 
_ndb_struct_na_base_pair_step.i_auth_asym_id_1 
_ndb_struct_na_base_pair_step.i_auth_seq_id_1 
_ndb_struct_na_base_pair_step.i_PDB_ins_code_1 
_ndb_struct_na_base_pair_step.j_auth_asym_id_1 
_ndb_struct_na_base_pair_step.j_auth_seq_id_1 
_ndb_struct_na_base_pair_step.j_PDB_ins_code_1 
_ndb_struct_na_base_pair_step.i_auth_asym_id_2 
_ndb_struct_na_base_pair_step.i_auth_seq_id_2 
_ndb_struct_na_base_pair_step.i_PDB_ins_code_2 
_ndb_struct_na_base_pair_step.j_auth_asym_id_2 
_ndb_struct_na_base_pair_step.j_auth_seq_id_2 
_ndb_struct_na_base_pair_step.j_PDB_ins_code_2 
1 A C 1 1_555 B G 8 1_555 A U 2 1_555 B G 7 1_555 0.012  -1.395 3.204 -1.223 3.470  38.194 -2.539  -0.164 3.068 5.288  1.864  
38.364 1 AA_C79U80:G96G97_BB A 79 ? B 97 ? A 80 ? B 96 ? 
1 A U 2 1_555 B G 7 1_555 A G 3 1_555 B U 6 1_555 -1.139 -2.239 3.380 -5.185 13.415 20.974 -8.502  1.274  1.861 32.394 12.520 
25.386 2 AA_U80G81:U95G96_BB A 80 ? B 96 ? A 81 ? B 95 ? 
1 A G 3 1_555 B U 6 1_555 A G 4 1_555 B C 5 1_555 0.474  -1.954 3.405 -1.439 5.586  40.877 -3.374  -0.827 3.106 7.950  2.048  
41.265 3 AA_G81G82:C94U95_BB A 81 ? B 95 ? A 82 ? B 94 ? 
1 A G 4 1_555 B C 5 1_555 A G 5 1_555 B C 4 1_555 0.366  -2.275 3.239 -0.542 8.793  28.723 -5.999  -0.806 2.443 17.221 1.061  
30.017 4 AA_G82G83:C93C94_BB A 82 ? B 94 ? A 83 ? B 93 ? 
1 A G 5 1_555 B C 4 1_555 A C 6 1_555 B G 3 1_555 -0.100 -1.612 3.113 2.937  4.922  39.066 -2.922  0.467  2.882 7.312  -4.363 
39.468 5 AA_G83C84:G92C93_BB A 83 ? B 93 ? A 84 ? B 92 ? 
1 A C 6 1_555 B G 3 1_555 A G 7 1_555 B C 2 1_555 0.298  -2.540 3.222 1.046  12.248 15.311 -11.733 -0.510 0.960 38.809 -3.315 
19.612 6 AA_C84G85:C91G92_BB A 84 ? B 92 ? A 85 ? B 91 ? 
1 A G 7 1_555 B C 2 1_555 A G 8 1_555 B C 1 1_555 -0.226 -1.743 3.343 0.458  7.340  36.704 -3.655  0.411  2.950 11.514 -0.718 
37.409 7 AA_G85G86:C90C91_BB A 85 ? B 91 ? A 86 ? B 90 ? 
# 
_atom_sites.entry_id                    439D 
_atom_sites.fract_transf_matrix[1][1]   -0.00037039 
_atom_sites.fract_transf_matrix[1][2]   0.00511321 
_atom_sites.fract_transf_matrix[1][3]   0.02703093 
_atom_sites.fract_transf_matrix[2][1]   -0.01184863 
_atom_sites.fract_transf_matrix[2][2]   0.02294103 
_atom_sites.fract_transf_matrix[2][3]   0.00949890 
_atom_sites.fract_transf_matrix[3][1]   -0.00685740 
_atom_sites.fract_transf_matrix[3][2]   -0.00380049 
_atom_sites.fract_transf_matrix[3][3]   0.00062494 
_atom_sites.fract_transf_vector[1]      0.932182 
_atom_sites.fract_transf_vector[2]      0.721636 
_atom_sites.fract_transf_vector[3]      0.255027 
# 
loop_
_atom_type.symbol 
BA 
C  
N  
O  
P  
# 
loop_
_atom_site.group_PDB 
_atom_site.id 
_atom_site.type_symbol 
_atom_site.label_atom_id 
_atom_site.label_alt_id 
_atom_site.label_comp_id 
_atom_site.label_asym_id 
_atom_site.label_entity_id 
_atom_site.label_seq_id 
_atom_site.pdbx_PDB_ins_code 
_atom_site.Cartn_x 
_atom_site.Cartn_y 
_atom_site.Cartn_z 
_atom_site.occupancy 
_atom_site.B_iso_or_equiv 
_atom_site.pdbx_formal_charge 
_atom_site.auth_seq_id 
_atom_site.auth_comp_id 
_atom_site.auth_asym_id 
_atom_site.auth_atom_id 
_atom_site.pdbx_PDB_model_num 
ATOM   1   O  "O5'" . C   A 1 1 ? 1.221   -11.073 3.254   1.00 30.91 ? 79  C   A "O5'" 1 
ATOM   2   C  "C5'" . C   A 1 1 ? 1.777   -12.249 2.664   1.00 26.21 ? 79  C   A "C5'" 1 
ATOM   3   C  "C4'" . C   A 1 1 ? 1.120   -12.531 1.345   1.00 23.42 ? 79  C   A "C4'" 1 
ATOM   4   O  "O4'" . C   A 1 1 ? -0.318  -12.615 1.522   1.00 26.41 ? 79  C   A "O4'" 1 
ATOM   5   C  "C3'" . C   A 1 1 ? 1.203   -11.393 0.329   1.00 22.14 ? 79  C   A "C3'" 1 
ATOM   6   O  "O3'" . C   A 1 1 ? 2.518   -11.353 -0.255  1.00 22.49 ? 79  C   A "O3'" 1 
ATOM   7   C  "C2'" . C   A 1 1 ? 0.142   -11.848 -0.653  1.00 25.62 ? 79  C   A "C2'" 1 
ATOM   8   O  "O2'" . C   A 1 1 ? 0.549   -13.004 -1.362  1.00 24.90 ? 79  C   A "O2'" 1 
ATOM   9   C  "C1'" . C   A 1 1 ? -0.978  -12.173 0.324   1.00 25.50 ? 79  C   A "C1'" 1 
ATOM   10  N  N1    . C   A 1 1 ? -1.891  -11.069 0.689   1.00 21.55 ? 79  C   A N1    1 
ATOM   11  C  C2    . C   A 1 1 ? -2.866  -10.713 -0.275  1.00 20.94 ? 79  C   A C2    1 
ATOM   12  O  O2    . C   A 1 1 ? -2.845  -11.386 -1.312  1.00 21.57 ? 79  C   A O2    1 
ATOM   13  N  N3    . C   A 1 1 ? -3.803  -9.816  0.074   1.00 22.39 ? 79  C   A N3    1 
ATOM   14  C  C4    . C   A 1 1 ? -3.789  -9.147  1.215   1.00 19.45 ? 79  C   A C4    1 
ATOM   15  N  N4    . C   A 1 1 ? -4.678  -8.211  1.483   1.00 22.01 ? 79  C   A N4    1 
ATOM   16  C  C5    . C   A 1 1 ? -2.795  -9.474  2.218   1.00 17.60 ? 79  C   A C5    1 
ATOM   17  C  C6    . C   A 1 1 ? -1.901  -10.451 1.880   1.00 20.38 ? 79  C   A C6    1 
ATOM   18  P  P     . U   A 1 2 ? 3.201   -9.953  -0.769  1.00 23.01 ? 80  U   A P     1 
ATOM   19  O  OP1   . U   A 1 2 ? 4.571   -10.386 -1.156  1.00 22.31 ? 80  U   A OP1   1 
ATOM   20  O  OP2   . U   A 1 2 ? 2.922   -8.851  0.137   1.00 22.16 ? 80  U   A OP2   1 
ATOM   21  O  "O5'" . U   A 1 2 ? 2.315   -9.818  -2.096  1.00 21.96 ? 80  U   A "O5'" 1 
ATOM   22  C  "C5'" . U   A 1 2 ? 2.410   -10.622 -3.261  1.00 19.27 ? 80  U   A "C5'" 1 
ATOM   23  C  "C4'" . U   A 1 2 ? 1.293   -10.249 -4.214  1.00 27.05 ? 80  U   A "C4'" 1 
ATOM   24  O  "O4'" . U   A 1 2 ? 0.004   -10.390 -3.601  1.00 26.91 ? 80  U   A "O4'" 1 
ATOM   25  C  "C3'" . U   A 1 2 ? 1.244   -8.779  -4.615  1.00 21.06 ? 80  U   A "C3'" 1 
ATOM   26  O  "O3'" . U   A 1 2 ? 2.221   -8.497  -5.646  1.00 25.17 ? 80  U   A "O3'" 1 
ATOM   27  C  "C2'" . U   A 1 2 ? -0.185  -8.621  -5.157  1.00 23.39 ? 80  U   A "C2'" 1 
ATOM   28  O  "O2'" . U   A 1 2 ? -0.355  -9.242  -6.410  1.00 31.50 ? 80  U   A "O2'" 1 
ATOM   29  C  "C1'" . U   A 1 2 ? -0.914  -9.364  -4.038  1.00 26.00 ? 80  U   A "C1'" 1 
ATOM   30  N  N1    . U   A 1 2 ? -1.245  -8.535  -2.887  1.00 20.74 ? 80  U   A N1    1 
ATOM   31  C  C2    . U   A 1 2 ? -2.440  -7.739  -3.068  1.00 19.69 ? 80  U   A C2    1 
ATOM   32  O  O2    . U   A 1 2 ? -2.920  -7.896  -4.152  1.00 26.07 ? 80  U   A O2    1 
ATOM   33  N  N3    . U   A 1 2 ? -2.701  -7.063  -1.937  1.00 17.24 ? 80  U   A N3    1 
ATOM   34  C  C4    . U   A 1 2 ? -2.014  -6.858  -0.771  1.00 30.89 ? 80  U   A C4    1 
ATOM   35  O  O4    . U   A 1 2 ? -2.396  -6.144  0.166   1.00 34.29 ? 80  U   A O4    1 
ATOM   36  C  C5    . U   A 1 2 ? -0.803  -7.654  -0.686  1.00 20.87 ? 80  U   A C5    1 
ATOM   37  C  C6    . U   A 1 2 ? -0.516  -8.428  -1.760  1.00 23.53 ? 80  U   A C6    1 
ATOM   38  P  P     . G   A 1 3 ? 2.790   -7.001  -5.969  1.00 26.47 ? 81  G   A P     1 
ATOM   39  O  OP1   . G   A 1 3 ? 4.044   -7.264  -6.694  1.00 28.03 ? 81  G   A OP1   1 
ATOM   40  O  OP2   . G   A 1 3 ? 2.895   -6.238  -4.707  1.00 24.71 ? 81  G   A OP2   1 
ATOM   41  O  "O5'" . G   A 1 3 ? 1.683   -6.336  -6.847  1.00 24.32 ? 81  G   A "O5'" 1 
ATOM   42  C  "C5'" . G   A 1 3 ? 1.473   -6.704  -8.216  1.00 21.33 ? 81  G   A "C5'" 1 
ATOM   43  C  "C4'" . G   A 1 3 ? 0.361   -5.883  -8.768  1.00 25.99 ? 81  G   A "C4'" 1 
ATOM   44  O  "O4'" . G   A 1 3 ? -0.897  -6.117  -8.077  1.00 26.80 ? 81  G   A "O4'" 1 
ATOM   45  C  "C3'" . G   A 1 3 ? 0.543   -4.394  -8.463  1.00 28.49 ? 81  G   A "C3'" 1 
ATOM   46  O  "O3'" . G   A 1 3 ? 1.571   -3.802  -9.288  1.00 25.03 ? 81  G   A "O3'" 1 
ATOM   47  C  "C2'" . G   A 1 3 ? -0.809  -3.798  -8.798  1.00 24.50 ? 81  G   A "C2'" 1 
ATOM   48  O  "O2'" . G   A 1 3 ? -1.094  -3.751  -10.150 1.00 24.50 ? 81  G   A "O2'" 1 
ATOM   49  C  "C1'" . G   A 1 3 ? -1.642  -4.904  -8.124  1.00 29.09 ? 81  G   A "C1'" 1 
ATOM   50  N  N9    . G   A 1 3 ? -1.892  -4.502  -6.745  1.00 29.86 ? 81  G   A N9    1 
ATOM   51  C  C8    . G   A 1 3 ? -1.281  -4.882  -5.571  1.00 24.27 ? 81  G   A C8    1 
ATOM   52  N  N7    . G   A 1 3 ? -1.770  -4.237  -4.521  1.00 21.65 ? 81  G   A N7    1 
ATOM   53  C  C5    . G   A 1 3 ? -2.648  -3.360  -5.081  1.00 25.73 ? 81  G   A C5    1 
ATOM   54  C  C6    . G   A 1 3 ? -3.492  -2.412  -4.381  1.00 23.96 ? 81  G   A C6    1 
ATOM   55  O  O6    . G   A 1 3 ? -3.428  -2.262  -3.187  1.00 25.88 ? 81  G   A O6    1 
ATOM   56  N  N1    . G   A 1 3 ? -4.162  -1.649  -5.318  1.00 23.74 ? 81  G   A N1    1 
ATOM   57  C  C2    . G   A 1 3 ? -4.266  -1.830  -6.666  1.00 37.97 ? 81  G   A C2    1 
ATOM   58  N  N2    . G   A 1 3 ? -5.083  -1.011  -7.336  1.00 44.04 ? 81  G   A N2    1 
ATOM   59  N  N3    . G   A 1 3 ? -3.489  -2.726  -7.286  1.00 30.05 ? 81  G   A N3    1 
ATOM   60  C  C4    . G   A 1 3 ? -2.756  -3.433  -6.409  1.00 29.23 ? 81  G   A C4    1 
ATOM   61  P  P     . G   A 1 4 ? 2.373   -2.475  -8.883  1.00 24.45 ? 82  G   A P     1 
ATOM   62  O  OP1   . G   A 1 4 ? 3.314   -2.311  -10.039 1.00 27.44 ? 82  G   A OP1   1 
ATOM   63  O  OP2   . G   A 1 4 ? 2.982   -2.683  -7.570  1.00 27.09 ? 82  G   A OP2   1 
ATOM   64  O  "O5'" . G   A 1 4 ? 1.264   -1.334  -8.731  1.00 20.10 ? 82  G   A "O5'" 1 
ATOM   65  C  "C5'" . G   A 1 4 ? 0.544   -0.836  -9.854  1.00 23.74 ? 82  G   A "C5'" 1 
ATOM   66  C  "C4'" . G   A 1 4 ? -0.368  0.302   -9.441  1.00 27.06 ? 82  G   A "C4'" 1 
ATOM   67  O  "O4'" . G   A 1 4 ? -1.436  -0.309  -8.639  1.00 26.77 ? 82  G   A "O4'" 1 
ATOM   68  C  "C3'" . G   A 1 4 ? 0.124   1.368   -8.488  1.00 20.43 ? 82  G   A "C3'" 1 
ATOM   69  O  "O3'" . G   A 1 4 ? 0.915   2.375   -9.166  1.00 23.46 ? 82  G   A "O3'" 1 
ATOM   70  C  "C2'" . G   A 1 4 ? -1.208  1.970   -7.988  1.00 23.21 ? 82  G   A "C2'" 1 
ATOM   71  O  "O2'" . G   A 1 4 ? -1.777  2.683   -9.044  1.00 28.89 ? 82  G   A "O2'" 1 
ATOM   72  C  "C1'" . G   A 1 4 ? -1.898  0.657   -7.692  1.00 25.55 ? 82  G   A "C1'" 1 
ATOM   73  N  N9    . G   A 1 4 ? -1.487  0.171   -6.363  1.00 26.81 ? 82  G   A N9    1 
ATOM   74  C  C8    . G   A 1 4 ? -0.609  -0.780  -5.973  1.00 23.08 ? 82  G   A C8    1 
ATOM   75  N  N7    . G   A 1 4 ? -0.485  -0.960  -4.702  1.00 29.65 ? 82  G   A N7    1 
ATOM   76  C  C5    . G   A 1 4 ? -1.301  0.072   -4.182  1.00 21.43 ? 82  G   A C5    1 
ATOM   77  C  C6    . G   A 1 4 ? -1.548  0.445   -2.852  1.00 33.45 ? 82  G   A C6    1 
ATOM   78  O  O6    . G   A 1 4 ? -1.065  -0.090  -1.867  1.00 34.44 ? 82  G   A O6    1 
ATOM   79  N  N1    . G   A 1 4 ? -2.427  1.551   -2.724  1.00 31.37 ? 82  G   A N1    1 
ATOM   80  C  C2    . G   A 1 4 ? -2.976  2.225   -3.804  1.00 37.34 ? 82  G   A C2    1 
ATOM   81  N  N2    . G   A 1 4 ? -3.758  3.277   -3.492  1.00 26.46 ? 82  G   A N2    1 
ATOM   82  N  N3    . G   A 1 4 ? -2.781  1.802   -5.062  1.00 25.09 ? 82  G   A N3    1 
ATOM   83  C  C4    . G   A 1 4 ? -1.917  0.785   -5.170  1.00 22.23 ? 82  G   A C4    1 
ATOM   84  P  P     . G   A 1 5 ? 2.174   3.137   -8.540  1.00 24.66 ? 83  G   A P     1 
ATOM   85  O  OP1   . G   A 1 5 ? 2.836   3.967   -9.617  1.00 29.08 ? 83  G   A OP1   1 
ATOM   86  O  OP2   . G   A 1 5 ? 3.046   2.309   -7.705  1.00 27.18 ? 83  G   A OP2   1 
ATOM   87  O  "O5'" . G   A 1 5 ? 1.358   4.133   -7.557  1.00 23.89 ? 83  G   A "O5'" 1 
ATOM   88  C  "C5'" . G   A 1 5 ? 0.381   5.073   -8.070  1.00 23.78 ? 83  G   A "C5'" 1 
ATOM   89  C  "C4'" . G   A 1 5 ? -0.187  5.888   -6.911  1.00 24.56 ? 83  G   A "C4'" 1 
ATOM   90  O  "O4'" . G   A 1 5 ? -0.974  4.982   -6.071  1.00 24.59 ? 83  G   A "O4'" 1 
ATOM   91  C  "C3'" . G   A 1 5 ? 0.795   6.439   -5.919  1.00 23.50 ? 83  G   A "C3'" 1 
ATOM   92  O  "O3'" . G   A 1 5 ? 1.425   7.693   -6.360  1.00 26.67 ? 83  G   A "O3'" 1 
ATOM   93  C  "C2'" . G   A 1 5 ? -0.068  6.718   -4.693  1.00 28.71 ? 83  G   A "C2'" 1 
ATOM   94  O  "O2'" . G   A 1 5 ? -0.922  7.823   -4.880  1.00 27.58 ? 83  G   A "O2'" 1 
ATOM   95  C  "C1'" . G   A 1 5 ? -0.896  5.434   -4.710  1.00 23.36 ? 83  G   A "C1'" 1 
ATOM   96  N  N9    . G   A 1 5 ? -0.288  4.342   -3.913  1.00 19.62 ? 83  G   A N9    1 
ATOM   97  C  C8    . G   A 1 5 ? 0.465   3.296   -4.380  1.00 23.54 ? 83  G   A C8    1 
ATOM   98  N  N7    . G   A 1 5 ? 0.931   2.562   -3.421  1.00 24.47 ? 83  G   A N7    1 
ATOM   99  C  C5    . G   A 1 5 ? 0.470   3.180   -2.244  1.00 29.60 ? 83  G   A C5    1 
ATOM   100 C  C6    . G   A 1 5 ? 0.635   2.840   -0.880  1.00 38.48 ? 83  G   A C6    1 
ATOM   101 O  O6    . G   A 1 5 ? 1.284   1.831   -0.555  1.00 30.11 ? 83  G   A O6    1 
ATOM   102 N  N1    . G   A 1 5 ? 0.016   3.796   -0.031  1.00 38.61 ? 83  G   A N1    1 
ATOM   103 C  C2    . G   A 1 5 ? -0.698  4.919   -0.444  1.00 39.35 ? 83  G   A C2    1 
ATOM   104 N  N2    . G   A 1 5 ? -1.236  5.738   0.500   1.00 28.84 ? 83  G   A N2    1 
ATOM   105 N  N3    . G   A 1 5 ? -0.884  5.223   -1.754  1.00 28.33 ? 83  G   A N3    1 
ATOM   106 C  C4    . G   A 1 5 ? -0.267  4.313   -2.537  1.00 23.15 ? 83  G   A C4    1 
ATOM   107 P  P     . C   A 1 6 ? 2.954   8.050   -5.910  1.00 30.23 ? 84  C   A P     1 
ATOM   108 O  OP1   . C   A 1 6 ? 3.188   9.240   -6.796  1.00 32.85 ? 84  C   A OP1   1 
ATOM   109 O  OP2   . C   A 1 6 ? 3.849   6.917   -5.991  1.00 27.13 ? 84  C   A OP2   1 
ATOM   110 O  "O5'" . C   A 1 6 ? 2.912   8.578   -4.389  1.00 27.16 ? 84  C   A "O5'" 1 
ATOM   111 C  "C5'" . C   A 1 6 ? 1.915   9.614   -4.124  1.00 28.12 ? 84  C   A "C5'" 1 
ATOM   112 C  "C4'" . C   A 1 6 ? 1.764   9.677   -2.613  1.00 30.82 ? 84  C   A "C4'" 1 
ATOM   113 O  "O4'" . C   A 1 6 ? 1.096   8.484   -2.117  1.00 26.83 ? 84  C   A "O4'" 1 
ATOM   114 C  "C3'" . C   A 1 6 ? 3.046   9.583   -1.823  1.00 32.00 ? 84  C   A "C3'" 1 
ATOM   115 O  "O3'" . C   A 1 6 ? 3.751   10.832  -1.780  1.00 32.41 ? 84  C   A "O3'" 1 
ATOM   116 C  "C2'" . C   A 1 6 ? 2.554   9.230   -0.414  1.00 29.43 ? 84  C   A "C2'" 1 
ATOM   117 O  "O2'" . C   A 1 6 ? 1.804   10.256  0.209   1.00 25.92 ? 84  C   A "O2'" 1 
ATOM   118 C  "C1'" . C   A 1 6 ? 1.635   8.083   -0.839  1.00 29.93 ? 84  C   A "C1'" 1 
ATOM   119 N  N1    . C   A 1 6 ? 2.328   6.784   -0.926  1.00 26.15 ? 84  C   A N1    1 
ATOM   120 C  C2    . C   A 1 6 ? 2.459   6.023   0.266   1.00 27.07 ? 84  C   A C2    1 
ATOM   121 O  O2    . C   A 1 6 ? 2.021   6.608   1.261   1.00 25.97 ? 84  C   A O2    1 
ATOM   122 N  N3    . C   A 1 6 ? 3.114   4.837   0.238   1.00 28.38 ? 84  C   A N3    1 
ATOM   123 C  C4    . C   A 1 6 ? 3.563   4.273   -0.893  1.00 34.38 ? 84  C   A C4    1 
ATOM   124 N  N4    . C   A 1 6 ? 4.116   3.056   -0.897  1.00 31.15 ? 84  C   A N4    1 
ATOM   125 C  C5    . C   A 1 6 ? 3.409   5.015   -2.105  1.00 31.15 ? 84  C   A C5    1 
ATOM   126 C  C6    . C   A 1 6 ? 2.803   6.223   -2.048  1.00 26.19 ? 84  C   A C6    1 
ATOM   127 P  P     . G   A 1 7 ? 5.334   11.042  -1.537  1.00 33.35 ? 85  G   A P     1 
ATOM   128 O  OP1   . G   A 1 7 ? 5.372   12.518  -1.660  1.00 34.09 ? 85  G   A OP1   1 
ATOM   129 O  OP2   . G   A 1 7 ? 6.076   10.188  -2.430  1.00 33.78 ? 85  G   A OP2   1 
ATOM   130 O  "O5'" . G   A 1 7 ? 5.601   10.595  -0.008  1.00 36.56 ? 85  G   A "O5'" 1 
ATOM   131 C  "C5'" . G   A 1 7 ? 5.299   11.498  1.045   1.00 35.18 ? 85  G   A "C5'" 1 
ATOM   132 C  "C4'" . G   A 1 7 ? 5.344   10.834  2.392   1.00 25.32 ? 85  G   A "C4'" 1 
ATOM   133 O  "O4'" . G   A 1 7 ? 4.615   9.567   2.350   1.00 27.12 ? 85  G   A "O4'" 1 
ATOM   134 C  "C3'" . G   A 1 7 ? 6.671   10.277  2.906   1.00 27.27 ? 85  G   A "C3'" 1 
ATOM   135 O  "O3'" . G   A 1 7 ? 7.574   11.291  3.281   1.00 31.07 ? 85  G   A "O3'" 1 
ATOM   136 C  "C2'" . G   A 1 7 ? 6.146   9.550   4.165   1.00 25.31 ? 85  G   A "C2'" 1 
ATOM   137 O  "O2'" . G   A 1 7 ? 5.723   10.518  5.106   1.00 25.96 ? 85  G   A "O2'" 1 
ATOM   138 C  "C1'" . G   A 1 7 ? 5.047   8.793   3.470   1.00 24.28 ? 85  G   A "C1'" 1 
ATOM   139 N  N9    . G   A 1 7 ? 5.508   7.491   2.922   1.00 22.85 ? 85  G   A N9    1 
ATOM   140 C  C8    . G   A 1 7 ? 5.630   7.102   1.608   1.00 25.09 ? 85  G   A C8    1 
ATOM   141 N  N7    . G   A 1 7 ? 6.060   5.877   1.464   1.00 31.75 ? 85  G   A N7    1 
ATOM   142 C  C5    . G   A 1 7 ? 6.208   5.426   2.773   1.00 29.08 ? 85  G   A C5    1 
ATOM   143 C  C6    . G   A 1 7 ? 6.626   4.149   3.259   1.00 27.14 ? 85  G   A C6    1 
ATOM   144 O  O6    . G   A 1 7 ? 6.945   3.114   2.697   1.00 35.56 ? 85  G   A O6    1 
ATOM   145 N  N1    . G   A 1 7 ? 6.606   4.152   4.640   1.00 28.81 ? 85  G   A N1    1 
ATOM   146 C  C2    . G   A 1 7 ? 6.243   5.161   5.480   1.00 25.81 ? 85  G   A C2    1 
ATOM   147 N  N2    . G   A 1 7 ? 6.326   4.854   6.787   1.00 34.79 ? 85  G   A N2    1 
ATOM   148 N  N3    . G   A 1 7 ? 5.818   6.349   5.044   1.00 27.27 ? 85  G   A N3    1 
ATOM   149 C  C4    . G   A 1 7 ? 5.802   6.383   3.686   1.00 24.81 ? 85  G   A C4    1 
ATOM   150 P  P     . G   A 1 8 ? 9.214   11.241  3.335   1.00 33.40 ? 86  G   A P     1 
ATOM   151 O  OP1   . G   A 1 8 ? 9.606   12.636  3.470   1.00 33.63 ? 86  G   A OP1   1 
ATOM   152 O  OP2   . G   A 1 8 ? 9.548   10.395  2.188   1.00 32.48 ? 86  G   A OP2   1 
ATOM   153 O  "O5'" . G   A 1 8 ? 9.398   10.356  4.649   1.00 34.53 ? 86  G   A "O5'" 1 
ATOM   154 C  "C5'" . G   A 1 8 ? 8.873   10.749  5.923   1.00 31.92 ? 86  G   A "C5'" 1 
ATOM   155 C  "C4'" . G   A 1 8 ? 9.244   9.713   6.952   1.00 36.89 ? 86  G   A "C4'" 1 
ATOM   156 O  "O4'" . G   A 1 8 ? 8.484   8.504   6.695   1.00 32.20 ? 86  G   A "O4'" 1 
ATOM   157 C  "C3'" . G   A 1 8 ? 10.711  9.228   6.920   1.00 36.40 ? 86  G   A "C3'" 1 
ATOM   158 O  "O3'" . G   A 1 8 ? 11.574  10.062  7.651   1.00 38.19 ? 86  G   A "O3'" 1 
ATOM   159 C  "C2'" . G   A 1 8 ? 10.534  7.899   7.637   1.00 25.70 ? 86  G   A "C2'" 1 
ATOM   160 O  "O2'" . G   A 1 8 ? 10.334  8.161   9.022   1.00 42.45 ? 86  G   A "O2'" 1 
ATOM   161 C  "C1'" . G   A 1 8 ? 9.256   7.356   7.024   1.00 31.27 ? 86  G   A "C1'" 1 
ATOM   162 N  N9    . G   A 1 8 ? 9.430   6.574   5.786   1.00 36.21 ? 86  G   A N9    1 
ATOM   163 C  C8    . G   A 1 8 ? 9.241   6.967   4.485   1.00 24.86 ? 86  G   A C8    1 
ATOM   164 N  N7    . G   A 1 8 ? 9.452   6.039   3.595   1.00 25.82 ? 86  G   A N7    1 
ATOM   165 C  C5    . G   A 1 8 ? 9.770   4.912   4.367   1.00 29.54 ? 86  G   A C5    1 
ATOM   166 C  C6    . G   A 1 8 ? 10.142  3.598   3.986   1.00 25.71 ? 86  G   A C6    1 
ATOM   167 O  O6    . G   A 1 8 ? 10.186  3.130   2.862   1.00 34.63 ? 86  G   A O6    1 
ATOM   168 N  N1    . G   A 1 8 ? 10.435  2.792   5.120   1.00 27.87 ? 86  G   A N1    1 
ATOM   169 C  C2    . G   A 1 8 ? 10.402  3.236   6.417   1.00 28.45 ? 86  G   A C2    1 
ATOM   170 N  N2    . G   A 1 8 ? 10.708  2.385   7.412   1.00 33.74 ? 86  G   A N2    1 
ATOM   171 N  N3    . G   A 1 8 ? 10.094  4.478   6.776   1.00 34.13 ? 86  G   A N3    1 
ATOM   172 C  C4    . G   A 1 8 ? 9.786   5.241   5.690   1.00 28.23 ? 86  G   A C4    1 
ATOM   173 O  "O5'" . C   B 2 1 ? 10.668  -6.020  4.136   1.00 39.65 ? 90  C   B "O5'" 1 
ATOM   174 C  "C5'" . C   B 2 1 ? 11.501  -6.403  5.234   1.00 34.98 ? 90  C   B "C5'" 1 
ATOM   175 C  "C4'" . C   B 2 1 ? 11.549  -5.317  6.277   1.00 38.82 ? 90  C   B "C4'" 1 
ATOM   176 O  "O4'" . C   B 2 1 ? 12.446  -4.230  5.899   1.00 37.48 ? 90  C   B "O4'" 1 
ATOM   177 C  "C3'" . C   B 2 1 ? 10.232  -4.567  6.504   1.00 32.24 ? 90  C   B "C3'" 1 
ATOM   178 O  "O3'" . C   B 2 1 ? 9.301   -5.330  7.294   1.00 39.64 ? 90  C   B "O3'" 1 
ATOM   179 C  "C2'" . C   B 2 1 ? 10.747  -3.389  7.308   1.00 33.95 ? 90  C   B "C2'" 1 
ATOM   180 O  "O2'" . C   B 2 1 ? 11.131  -3.847  8.589   1.00 37.83 ? 90  C   B "O2'" 1 
ATOM   181 C  "C1'" . C   B 2 1 ? 11.917  -3.006  6.401   1.00 37.64 ? 90  C   B "C1'" 1 
ATOM   182 N  N1    . C   B 2 1 ? 11.506  -2.156  5.257   1.00 32.99 ? 90  C   B N1    1 
ATOM   183 C  C2    . C   B 2 1 ? 11.380  -0.783  5.457   1.00 30.98 ? 90  C   B C2    1 
ATOM   184 O  O2    . C   B 2 1 ? 11.663  -0.274  6.549   1.00 38.34 ? 90  C   B O2    1 
ATOM   185 N  N3    . C   B 2 1 ? 11.014  0.013   4.411   1.00 31.64 ? 90  C   B N3    1 
ATOM   186 C  C4    . C   B 2 1 ? 10.720  -0.541  3.232   1.00 33.55 ? 90  C   B C4    1 
ATOM   187 N  N4    . C   B 2 1 ? 10.378  0.285   2.256   1.00 34.28 ? 90  C   B N4    1 
ATOM   188 C  C5    . C   B 2 1 ? 10.790  -1.952  3.011   1.00 38.34 ? 90  C   B C5    1 
ATOM   189 C  C6    . C   B 2 1 ? 11.201  -2.722  4.053   1.00 31.69 ? 90  C   B C6    1 
ATOM   190 P  P     . C   B 2 2 ? 7.686   -5.367  7.442   1.00 40.51 ? 91  C   B P     1 
ATOM   191 O  OP1   . C   B 2 2 ? 7.270   -6.291  8.522   1.00 40.85 ? 91  C   B OP1   1 
ATOM   192 O  OP2   . C   B 2 2 ? 7.129   -5.559  6.089   1.00 45.34 ? 91  C   B OP2   1 
ATOM   193 O  "O5'" . C   B 2 2 ? 7.302   -3.840  7.880   1.00 37.84 ? 91  C   B "O5'" 1 
ATOM   194 C  "C5'" . C   B 2 2 ? 7.925   -3.333  9.064   1.00 38.44 ? 91  C   B "C5'" 1 
ATOM   195 C  "C4'" . C   B 2 2 ? 7.613   -1.924  9.478   1.00 43.35 ? 91  C   B "C4'" 1 
ATOM   196 O  "O4'" . C   B 2 2 ? 8.619   -0.995  8.927   1.00 39.91 ? 91  C   B "O4'" 1 
ATOM   197 C  "C3'" . C   B 2 2 ? 6.317   -1.277  8.977   1.00 37.57 ? 91  C   B "C3'" 1 
ATOM   198 O  "O3'" . C   B 2 2 ? 5.164   -1.636  9.731   1.00 44.41 ? 91  C   B "O3'" 1 
ATOM   199 C  "C2'" . C   B 2 2 ? 6.625   0.211   9.197   1.00 33.41 ? 91  C   B "C2'" 1 
ATOM   200 O  "O2'" . C   B 2 2 ? 6.737   0.548   10.568  1.00 39.50 ? 91  C   B "O2'" 1 
ATOM   201 C  "C1'" . C   B 2 2 ? 7.982   0.197   8.493   1.00 35.18 ? 91  C   B "C1'" 1 
ATOM   202 N  N1    . C   B 2 2 ? 7.847   0.147   7.035   1.00 28.17 ? 91  C   B N1    1 
ATOM   203 C  C2    . C   B 2 2 ? 7.555   1.376   6.363   1.00 27.13 ? 91  C   B C2    1 
ATOM   204 O  O2    . C   B 2 2 ? 7.458   2.348   7.108   1.00 36.64 ? 91  C   B O2    1 
ATOM   205 N  N3    . C   B 2 2 ? 7.399   1.314   5.038   1.00 31.88 ? 91  C   B N3    1 
ATOM   206 C  C4    . C   B 2 2 ? 7.472   0.190   4.342   1.00 31.16 ? 91  C   B C4    1 
ATOM   207 N  N4    . C   B 2 2 ? 7.323   0.114   3.027   1.00 32.19 ? 91  C   B N4    1 
ATOM   208 C  C5    . C   B 2 2 ? 7.724   -1.083  4.993   1.00 33.46 ? 91  C   B C5    1 
ATOM   209 C  C6    . C   B 2 2 ? 7.885   -1.006  6.318   1.00 25.63 ? 91  C   B C6    1 
ATOM   210 P  P     . G   B 2 3 ? 3.568   -1.764  9.478   1.00 44.56 ? 92  G   B P     1 
ATOM   211 O  OP1   . G   B 2 3 ? 3.167   -2.395  10.714  1.00 44.73 ? 92  G   B OP1   1 
ATOM   212 O  OP2   . G   B 2 3 ? 3.259   -2.304  8.142   1.00 40.92 ? 92  G   B OP2   1 
ATOM   213 O  "O5'" . G   B 2 3 ? 3.177   -0.210  9.417   1.00 27.88 ? 92  G   B "O5'" 1 
ATOM   214 C  "C5'" . G   B 2 3 ? 3.276   0.564   10.609  1.00 33.25 ? 92  G   B "C5'" 1 
ATOM   215 C  "C4'" . G   B 2 3 ? 2.883   1.967   10.225  1.00 29.22 ? 92  G   B "C4'" 1 
ATOM   216 O  "O4'" . G   B 2 3 ? 3.905   2.531   9.346   1.00 32.16 ? 92  G   B "O4'" 1 
ATOM   217 C  "C3'" . G   B 2 3 ? 1.638   2.138   9.365   1.00 30.30 ? 92  G   B "C3'" 1 
ATOM   218 O  "O3'" . G   B 2 3 ? 0.422   2.018   10.149  1.00 25.64 ? 92  G   B "O3'" 1 
ATOM   219 C  "C2'" . G   B 2 3 ? 1.807   3.572   8.895   1.00 33.87 ? 92  G   B "C2'" 1 
ATOM   220 O  "O2'" . G   B 2 3 ? 1.645   4.517   9.935   1.00 33.12 ? 92  G   B "O2'" 1 
ATOM   221 C  "C1'" . G   B 2 3 ? 3.272   3.495   8.506   1.00 31.57 ? 92  G   B "C1'" 1 
ATOM   222 N  N9    . G   B 2 3 ? 3.421   3.080   7.094   1.00 34.20 ? 92  G   B N9    1 
ATOM   223 C  C8    . G   B 2 3 ? 3.838   1.878   6.573   1.00 30.70 ? 92  G   B C8    1 
ATOM   224 N  N7    . G   B 2 3 ? 3.839   1.890   5.257   1.00 29.99 ? 92  G   B N7    1 
ATOM   225 C  C5    . G   B 2 3 ? 3.429   3.170   4.917   1.00 30.71 ? 92  G   B C5    1 
ATOM   226 C  C6    . G   B 2 3 ? 3.240   3.769   3.643   1.00 28.65 ? 92  G   B C6    1 
ATOM   227 O  O6    . G   B 2 3 ? 3.518   3.223   2.580   1.00 34.01 ? 92  G   B O6    1 
ATOM   228 N  N1    . G   B 2 3 ? 2.801   5.080   3.731   1.00 26.41 ? 92  G   B N1    1 
ATOM   229 C  C2    . G   B 2 3 ? 2.540   5.775   4.900   1.00 31.23 ? 92  G   B C2    1 
ATOM   230 N  N2    . G   B 2 3 ? 2.131   7.039   4.797   1.00 30.17 ? 92  G   B N2    1 
ATOM   231 N  N3    . G   B 2 3 ? 2.698   5.201   6.113   1.00 28.66 ? 92  G   B N3    1 
ATOM   232 C  C4    . G   B 2 3 ? 3.145   3.918   6.016   1.00 24.27 ? 92  G   B C4    1 
ATOM   233 P  P     . C   B 2 4 ? -0.961  1.507   9.537   1.00 25.57 ? 93  C   B P     1 
ATOM   234 O  OP1   . C   B 2 4 ? -1.735  1.587   10.792  1.00 28.24 ? 93  C   B OP1   1 
ATOM   235 O  OP2   . C   B 2 4 ? -0.947  0.347   8.650   1.00 31.26 ? 93  C   B OP2   1 
ATOM   236 O  "O5'" . C   B 2 4 ? -1.346  2.740   8.583   1.00 27.17 ? 93  C   B "O5'" 1 
ATOM   237 C  "C5'" . C   B 2 4 ? -1.628  4.038   9.117   1.00 25.76 ? 93  C   B "C5'" 1 
ATOM   238 C  "C4'" . C   B 2 4 ? -1.962  4.954   7.964   1.00 28.04 ? 93  C   B "C4'" 1 
ATOM   239 O  "O4'" . C   B 2 4 ? -0.803  5.216   7.093   1.00 24.61 ? 93  C   B "O4'" 1 
ATOM   240 C  "C3'" . C   B 2 4 ? -2.928  4.352   6.955   1.00 24.03 ? 93  C   B "C3'" 1 
ATOM   241 O  "O3'" . C   B 2 4 ? -4.305  4.394   7.383   1.00 27.63 ? 93  C   B "O3'" 1 
ATOM   242 C  "C2'" . C   B 2 4 ? -2.798  5.273   5.761   1.00 19.58 ? 93  C   B "C2'" 1 
ATOM   243 O  "O2'" . C   B 2 4 ? -3.383  6.526   5.997   1.00 22.65 ? 93  C   B "O2'" 1 
ATOM   244 C  "C1'" . C   B 2 4 ? -1.259  5.344   5.758   1.00 28.16 ? 93  C   B "C1'" 1 
ATOM   245 N  N1    . C   B 2 4 ? -0.677  4.240   4.964   1.00 26.19 ? 93  C   B N1    1 
ATOM   246 C  C2    . C   B 2 4 ? -0.614  4.423   3.589   1.00 21.92 ? 93  C   B C2    1 
ATOM   247 O  O2    . C   B 2 4 ? -0.936  5.470   3.050   1.00 28.51 ? 93  C   B O2    1 
ATOM   248 N  N3    . C   B 2 4 ? -0.078  3.439   2.796   1.00 29.03 ? 93  C   B N3    1 
ATOM   249 C  C4    . C   B 2 4 ? 0.352   2.311   3.327   1.00 33.50 ? 93  C   B C4    1 
ATOM   250 N  N4    . C   B 2 4 ? 0.841   1.459   2.417   1.00 41.69 ? 93  C   B N4    1 
ATOM   251 C  C5    . C   B 2 4 ? 0.249   2.088   4.718   1.00 28.79 ? 93  C   B C5    1 
ATOM   252 C  C6    . C   B 2 4 ? -0.260  3.059   5.521   1.00 28.13 ? 93  C   B C6    1 
ATOM   253 P  P     . C   B 2 5 ? -5.392  3.365   6.884   1.00 29.02 ? 94  C   B P     1 
ATOM   254 O  OP1   . C   B 2 5 ? -6.593  3.623   7.735   1.00 30.52 ? 94  C   B OP1   1 
ATOM   255 O  OP2   . C   B 2 5 ? -5.043  1.914   6.845   1.00 37.96 ? 94  C   B OP2   1 
ATOM   256 O  "O5'" . C   B 2 5 ? -5.786  3.643   5.334   1.00 25.46 ? 94  C   B "O5'" 1 
ATOM   257 C  "C5'" . C   B 2 5 ? -6.324  4.906   5.006   1.00 25.78 ? 94  C   B "C5'" 1 
ATOM   258 C  "C4'" . C   B 2 5 ? -6.303  5.193   3.523   1.00 31.21 ? 94  C   B "C4'" 1 
ATOM   259 O  "O4'" . C   B 2 5 ? -4.932  5.207   2.999   1.00 27.52 ? 94  C   B "O4'" 1 
ATOM   260 C  "C3'" . C   B 2 5 ? -6.941  4.153   2.636   1.00 22.35 ? 94  C   B "C3'" 1 
ATOM   261 O  "O3'" . C   B 2 5 ? -8.405  4.229   2.605   1.00 22.21 ? 94  C   B "O3'" 1 
ATOM   262 C  "C2'" . C   B 2 5 ? -6.421  4.599   1.275   1.00 18.13 ? 94  C   B "C2'" 1 
ATOM   263 O  "O2'" . C   B 2 5 ? -7.066  5.786   0.886   1.00 22.64 ? 94  C   B "O2'" 1 
ATOM   264 C  "C1'" . C   B 2 5 ? -4.956  4.819   1.624   1.00 25.20 ? 94  C   B "C1'" 1 
ATOM   265 N  N1    . C   B 2 5 ? -4.112  3.610   1.475   1.00 24.19 ? 94  C   B N1    1 
ATOM   266 C  C2    . C   B 2 5 ? -3.765  3.313   0.136   1.00 25.36 ? 94  C   B C2    1 
ATOM   267 O  O2    . C   B 2 5 ? -4.092  4.065   -0.809  1.00 30.37 ? 94  C   B O2    1 
ATOM   268 N  N3    . C   B 2 5 ? -2.991  2.249   -0.091  1.00 37.32 ? 94  C   B N3    1 
ATOM   269 C  C4    . C   B 2 5 ? -2.551  1.467   0.899   1.00 28.92 ? 94  C   B C4    1 
ATOM   270 N  N4    . C   B 2 5 ? -1.823  0.428   0.496   1.00 23.31 ? 94  C   B N4    1 
ATOM   271 C  C5    . C   B 2 5 ? -2.937  1.712   2.241   1.00 24.46 ? 94  C   B C5    1 
ATOM   272 C  C6    . C   B 2 5 ? -3.721  2.813   2.477   1.00 30.51 ? 94  C   B C6    1 
ATOM   273 P  P     . U   B 2 6 ? -9.296  2.887   2.412   1.00 24.01 ? 95  U   B P     1 
ATOM   274 O  OP1   . U   B 2 6 ? -10.653 3.421   2.701   1.00 24.37 ? 95  U   B OP1   1 
ATOM   275 O  OP2   . U   B 2 6 ? -8.761  1.741   3.141   1.00 23.45 ? 95  U   B OP2   1 
ATOM   276 O  "O5'" . U   B 2 6 ? -9.231  2.524   0.849   1.00 22.88 ? 95  U   B "O5'" 1 
ATOM   277 C  "C5'" . U   B 2 6 ? -9.717  3.469   -0.095  1.00 24.91 ? 95  U   B "C5'" 1 
ATOM   278 C  "C4'" . U   B 2 6 ? -9.325  3.066   -1.487  1.00 20.27 ? 95  U   B "C4'" 1 
ATOM   279 O  "O4'" . U   B 2 6 ? -7.876  3.118   -1.621  1.00 19.85 ? 95  U   B "O4'" 1 
ATOM   280 C  "C3'" . U   B 2 6 ? -9.577  1.609   -1.907  1.00 21.79 ? 95  U   B "C3'" 1 
ATOM   281 O  "O3'" . U   B 2 6 ? -10.934 1.421   -2.288  1.00 23.92 ? 95  U   B "O3'" 1 
ATOM   282 C  "C2'" . U   B 2 6 ? -8.681  1.489   -3.118  1.00 20.66 ? 95  U   B "C2'" 1 
ATOM   283 O  "O2'" . U   B 2 6 ? -9.170  2.296   -4.180  1.00 21.47 ? 95  U   B "O2'" 1 
ATOM   284 C  "C1'" . U   B 2 6 ? -7.417  2.116   -2.536  1.00 18.85 ? 95  U   B "C1'" 1 
ATOM   285 N  N1    . U   B 2 6 ? -6.579  1.149   -1.837  1.00 18.27 ? 95  U   B N1    1 
ATOM   286 C  C2    . U   B 2 6 ? -5.783  0.285   -2.606  1.00 19.81 ? 95  U   B C2    1 
ATOM   287 O  O2    . U   B 2 6 ? -5.782  0.328   -3.824  1.00 23.60 ? 95  U   B O2    1 
ATOM   288 N  N3    . U   B 2 6 ? -5.049  -0.628  -1.885  1.00 20.87 ? 95  U   B N3    1 
ATOM   289 C  C4    . U   B 2 6 ? -4.981  -0.754  -0.519  1.00 26.15 ? 95  U   B C4    1 
ATOM   290 O  O4    . U   B 2 6 ? -4.259  -1.597  0.034   1.00 26.58 ? 95  U   B O4    1 
ATOM   291 C  C5    . U   B 2 6 ? -5.884  0.135   0.204   1.00 21.41 ? 95  U   B C5    1 
ATOM   292 C  C6    . U   B 2 6 ? -6.595  1.058   -0.468  1.00 19.92 ? 95  U   B C6    1 
ATOM   293 P  P     . G   B 2 7 ? -11.655 -0.080  -2.275  1.00 26.30 ? 96  G   B P     1 
ATOM   294 O  OP1   . G   B 2 7 ? -13.083 0.106   -2.532  1.00 27.42 ? 96  G   B OP1   1 
ATOM   295 O  OP2   . G   B 2 7 ? -11.112 -0.862  -1.104  1.00 27.88 ? 96  G   B OP2   1 
ATOM   296 O  "O5'" . G   B 2 7 ? -11.014 -0.866  -3.512  1.00 30.79 ? 96  G   B "O5'" 1 
ATOM   297 C  "C5'" . G   B 2 7 ? -11.288 -0.493  -4.863  1.00 31.69 ? 96  G   B "C5'" 1 
ATOM   298 C  "C4'" . G   B 2 7 ? -10.377 -1.282  -5.792  1.00 26.36 ? 96  G   B "C4'" 1 
ATOM   299 O  "O4'" . G   B 2 7 ? -8.971  -1.097  -5.471  1.00 22.86 ? 96  G   B "O4'" 1 
ATOM   300 C  "C3'" . G   B 2 7 ? -10.495 -2.800  -5.695  1.00 24.81 ? 96  G   B "C3'" 1 
ATOM   301 O  "O3'" . G   B 2 7 ? -11.674 -3.278  -6.352  1.00 24.72 ? 96  G   B "O3'" 1 
ATOM   302 C  "C2'" . G   B 2 7 ? -9.234  -3.250  -6.447  1.00 22.55 ? 96  G   B "C2'" 1 
ATOM   303 O  "O2'" . G   B 2 7 ? -9.299  -3.041  -7.840  1.00 21.78 ? 96  G   B "O2'" 1 
ATOM   304 C  "C1'" . G   B 2 7 ? -8.244  -2.284  -5.798  1.00 25.22 ? 96  G   B "C1'" 1 
ATOM   305 N  N9    . G   B 2 7 ? -7.708  -2.798  -4.551  1.00 23.20 ? 96  G   B N9    1 
ATOM   306 C  C8    . G   B 2 7 ? -7.936  -2.405  -3.246  1.00 24.19 ? 96  G   B C8    1 
ATOM   307 N  N7    . G   B 2 7 ? -7.258  -3.065  -2.342  1.00 26.84 ? 96  G   B N7    1 
ATOM   308 C  C5    . G   B 2 7 ? -6.476  -3.914  -3.120  1.00 22.16 ? 96  G   B C5    1 
ATOM   309 C  C6    . G   B 2 7 ? -5.525  -4.932  -2.765  1.00 26.75 ? 96  G   B C6    1 
ATOM   310 O  O6    . G   B 2 7 ? -5.155  -5.179  -1.637  1.00 28.35 ? 96  G   B O6    1 
ATOM   311 N  N1    . G   B 2 7 ? -5.030  -5.600  -3.883  1.00 19.85 ? 96  G   B N1    1 
ATOM   312 C  C2    . G   B 2 7 ? -5.342  -5.359  -5.199  1.00 23.88 ? 96  G   B C2    1 
ATOM   313 N  N2    . G   B 2 7 ? -4.780  -6.103  -6.154  1.00 21.51 ? 96  G   B N2    1 
ATOM   314 N  N3    . G   B 2 7 ? -6.239  -4.427  -5.533  1.00 20.60 ? 96  G   B N3    1 
ATOM   315 C  C4    . G   B 2 7 ? -6.738  -3.784  -4.461  1.00 19.72 ? 96  G   B C4    1 
ATOM   316 P  P     . G   B 2 8 ? -12.395 -4.723  -5.912  1.00 26.94 ? 97  G   B P     1 
ATOM   317 O  OP1   . G   B 2 8 ? -13.551 -4.789  -6.811  1.00 27.34 ? 97  G   B OP1   1 
ATOM   318 O  OP2   . G   B 2 8 ? -12.541 -4.553  -4.454  1.00 30.20 ? 97  G   B OP2   1 
ATOM   319 O  "O5'" . G   B 2 8 ? -11.306 -5.790  -6.236  1.00 20.70 ? 97  G   B "O5'" 1 
ATOM   320 C  "C5'" . G   B 2 8 ? -10.971 -6.105  -7.613  1.00 23.11 ? 97  G   B "C5'" 1 
ATOM   321 C  "C4'" . G   B 2 8 ? -9.962  -7.229  -7.622  1.00 23.25 ? 97  G   B "C4'" 1 
ATOM   322 O  "O4'" . G   B 2 8 ? -8.708  -6.840  -6.961  1.00 19.88 ? 97  G   B "O4'" 1 
ATOM   323 C  "C3'" . G   B 2 8 ? -10.412 -8.460  -6.831  1.00 28.13 ? 97  G   B "C3'" 1 
ATOM   324 O  "O3'" . G   B 2 8 ? -11.260 -9.221  -7.658  1.00 26.54 ? 97  G   B "O3'" 1 
ATOM   325 C  "C2'" . G   B 2 8 ? -9.096  -9.192  -6.625  1.00 20.08 ? 97  G   B "C2'" 1 
ATOM   326 O  "O2'" . G   B 2 8 ? -8.656  -9.861  -7.775  1.00 24.35 ? 97  G   B "O2'" 1 
ATOM   327 C  "C1'" . G   B 2 8 ? -8.167  -8.000  -6.307  1.00 20.15 ? 97  G   B "C1'" 1 
ATOM   328 N  N9    . G   B 2 8 ? -8.054  -7.723  -4.870  1.00 21.95 ? 97  G   B N9    1 
ATOM   329 C  C8    . G   B 2 8 ? -8.772  -6.858  -4.096  1.00 19.74 ? 97  G   B C8    1 
ATOM   330 N  N7    . G   B 2 8 ? -8.413  -6.855  -2.813  1.00 23.16 ? 97  G   B N7    1 
ATOM   331 C  C5    . G   B 2 8 ? -7.331  -7.712  -2.783  1.00 18.75 ? 97  G   B C5    1 
ATOM   332 C  C6    . G   B 2 8 ? -6.551  -8.140  -1.657  1.00 24.99 ? 97  G   B C6    1 
ATOM   333 O  O6    . G   B 2 8 ? -6.630  -7.780  -0.476  1.00 22.36 ? 97  G   B O6    1 
ATOM   334 N  N1    . G   B 2 8 ? -5.575  -9.050  -2.068  1.00 21.90 ? 97  G   B N1    1 
ATOM   335 C  C2    . G   B 2 8 ? -5.429  -9.620  -3.300  1.00 22.82 ? 97  G   B C2    1 
ATOM   336 N  N2    . G   B 2 8 ? -4.450  -10.523 -3.438  1.00 22.97 ? 97  G   B N2    1 
ATOM   337 N  N3    . G   B 2 8 ? -6.188  -9.236  -4.345  1.00 18.17 ? 97  G   B N3    1 
ATOM   338 C  C4    . G   B 2 8 ? -7.132  -8.309  -3.987  1.00 18.08 ? 97  G   B C4    1 
HETATM 339 BA BA    . BA  C 3 . ? 0.645   -2.348  -2.615  0.50 27.93 ? 101 BA  A BA    1 
HETATM 340 O  O     . HOH D 4 . ? 2.683   0.186   -3.392  1.00 38.61 ? 1   HOH A O     1 
HETATM 341 O  O     . HOH D 4 . ? 5.672   1.551   -1.483  1.00 30.19 ? 4   HOH A O     1 
HETATM 342 O  O     . HOH D 4 . ? 8.883   3.144   0.170   1.00 33.69 ? 5   HOH A O     1 
HETATM 343 O  O     . HOH D 4 . ? -1.783  -13.451 -2.890  1.00 30.55 ? 7   HOH A O     1 
HETATM 344 O  O     . HOH D 4 . ? 4.838   14.718  -0.213  0.33 20.99 ? 10  HOH A O     1 
HETATM 345 O  O     . HOH D 4 . ? 6.302   12.890  5.798   1.00 34.08 ? 11  HOH A O     1 
HETATM 346 O  O     . HOH D 4 . ? 3.184   -2.765  -2.129  1.00 33.52 ? 12  HOH A O     1 
HETATM 347 O  O     . HOH D 4 . ? 0.786   -5.084  -2.633  1.00 38.38 ? 13  HOH A O     1 
HETATM 348 O  O     . HOH D 4 . ? 3.179   0.670   -5.658  1.00 39.45 ? 14  HOH A O     1 
HETATM 349 O  O     . HOH D 4 . ? -3.344  -2.660  -11.270 1.00 46.47 ? 23  HOH A O     1 
HETATM 350 O  O     . HOH D 4 . ? -2.370  -8.465  -7.826  1.00 42.98 ? 24  HOH A O     1 
HETATM 351 O  O     . HOH D 4 . ? -0.945  -5.863  2.347   1.00 40.20 ? 26  HOH A O     1 
HETATM 352 O  O     . HOH D 4 . ? 1.864   -8.815  2.750   1.00 38.92 ? 27  HOH A O     1 
HETATM 353 O  O     . HOH D 4 . ? 0.656   -3.771  -12.322 1.00 40.95 ? 29  HOH A O     1 
HETATM 354 O  O     . HOH D 4 . ? -1.900  7.752   -2.495  1.00 39.01 ? 32  HOH A O     1 
HETATM 355 O  O     . HOH D 4 . ? 6.096   7.834   -2.068  1.00 41.59 ? 34  HOH A O     1 
HETATM 356 O  O     . HOH D 4 . ? 4.430   6.905   7.894   1.00 35.36 ? 35  HOH A O     1 
HETATM 357 O  O     . HOH D 4 . ? 9.669   6.175   -2.193  1.00 49.64 ? 36  HOH A O     1 
HETATM 358 O  O     . HOH D 4 . ? 4.124   -0.422  -12.005 1.00 47.20 ? 37  HOH A O     1 
HETATM 359 O  O     . HOH D 4 . ? -2.805  8.552   0.528   1.00 38.74 ? 38  HOH A O     1 
HETATM 360 O  O     . HOH D 4 . ? -2.021  -6.316  4.998   1.00 40.76 ? 39  HOH A O     1 
HETATM 361 O  O     . HOH D 4 . ? -0.303  -11.060 5.830   1.00 52.98 ? 40  HOH A O     1 
HETATM 362 O  O     . HOH D 4 . ? -4.910  -6.698  4.180   1.00 38.25 ? 41  HOH A O     1 
HETATM 363 O  O     . HOH D 4 . ? -1.127  3.620   -11.388 1.00 38.16 ? 42  HOH A O     1 
HETATM 364 O  O     . HOH D 4 . ? 6.346   2.715   -4.573  1.00 42.36 ? 43  HOH A O     1 
HETATM 365 O  O     . HOH D 4 . ? 7.157   0.133   -2.744  1.00 47.18 ? 44  HOH A O     1 
HETATM 366 O  O     . HOH D 4 . ? -1.345  -7.978  5.364   1.00 48.58 ? 45  HOH A O     1 
HETATM 367 O  O     . HOH D 4 . ? 7.622   1.183   -5.688  1.00 58.75 ? 46  HOH A O     1 
HETATM 368 O  O     . HOH D 4 . ? 2.120   13.147  0.057   0.33 34.18 ? 54  HOH A O     1 
HETATM 369 O  O     . HOH D 4 . ? -1.280  -12.972 -5.390  1.00 61.97 ? 56  HOH A O     1 
HETATM 370 O  O     . HOH D 4 . ? -2.806  -5.961  7.992   1.00 53.12 ? 58  HOH A O     1 
HETATM 371 O  O     . HOH D 4 . ? -0.501  11.320  -0.072  0.33 36.74 ? 59  HOH A O     1 
HETATM 372 O  O     . HOH D 4 . ? 2.266   -3.384  -4.942  1.00 30.33 ? 60  HOH A O     1 
HETATM 373 O  O     . HOH E 4 . ? -0.811  -1.394  2.275   1.00 32.65 ? 2   HOH B O     1 
HETATM 374 O  O     . HOH E 4 . ? -2.656  -1.095  4.681   1.00 30.91 ? 3   HOH B O     1 
HETATM 375 O  O     . HOH E 4 . ? -15.499 -2.456  -9.646  1.00 15.31 ? 6   HOH B O     1 
HETATM 376 O  O     . HOH E 4 . ? -3.250  -11.539 -6.220  1.00 27.16 ? 8   HOH B O     1 
HETATM 377 O  O     . HOH E 4 . ? -6.570  -11.241 -6.478  1.00 30.39 ? 9   HOH B O     1 
HETATM 378 O  O     . HOH E 4 . ? -9.614  1.440   5.938   1.00 37.47 ? 15  HOH B O     1 
HETATM 379 O  O     . HOH E 4 . ? -12.335 5.195   1.357   0.33 25.42 ? 16  HOH B O     1 
HETATM 380 O  O     . HOH E 4 . ? 9.933   -0.587  -0.297  1.00 45.18 ? 17  HOH B O     1 
HETATM 381 O  O     . HOH E 4 . ? -4.465  -4.026  1.050   1.00 38.93 ? 18  HOH B O     1 
HETATM 382 O  O     . HOH E 4 . ? -6.399  0.487   3.804   1.00 34.88 ? 19  HOH B O     1 
HETATM 383 O  O     . HOH E 4 . ? -1.266  -3.000  0.245   1.00 47.27 ? 20  HOH B O     1 
HETATM 384 O  O     . HOH E 4 . ? -5.649  4.974   10.111  1.00 32.80 ? 21  HOH B O     1 
HETATM 385 O  O     . HOH E 4 . ? -10.011 -5.615  -0.652  1.00 37.66 ? 22  HOH B O     1 
HETATM 386 O  O     . HOH E 4 . ? -5.037  -13.843 -6.651  1.00 52.66 ? 25  HOH B O     1 
HETATM 387 O  O     . HOH E 4 . ? 10.056  -4.772  1.399   1.00 40.99 ? 28  HOH B O     1 
HETATM 388 O  O     . HOH E 4 . ? -11.611 -3.801  -1.967  1.00 39.25 ? 30  HOH B O     1 
HETATM 389 O  O     . HOH E 4 . ? -11.045 -2.300  -9.463  0.50 32.50 ? 31  HOH B O     1 
HETATM 390 O  O     . HOH E 4 . ? -4.184  8.569   4.249   1.00 38.65 ? 33  HOH B O     1 
HETATM 391 O  O     . HOH E 4 . ? 4.095   -0.463  4.149   1.00 44.50 ? 47  HOH B O     1 
HETATM 392 O  O     . HOH E 4 . ? -15.337 -6.091  -2.178  1.00 49.96 ? 48  HOH B O     1 
HETATM 393 O  O     . HOH E 4 . ? -3.491  0.290   5.755   1.00 41.38 ? 49  HOH B O     1 
HETATM 394 O  O     . HOH E 4 . ? -7.692  -1.662  5.715   1.00 58.50 ? 50  HOH B O     1 
HETATM 395 O  O     . HOH E 4 . ? -14.762 -3.713  -3.338  1.00 47.72 ? 51  HOH B O     1 
HETATM 396 O  O     . HOH E 4 . ? -0.018  -3.218  4.661   1.00 57.62 ? 52  HOH B O     1 
HETATM 397 O  O     . HOH E 4 . ? -15.849 -4.283  -0.977  1.00 41.23 ? 53  HOH B O     1 
HETATM 398 O  O     . HOH E 4 . ? -9.605  6.708   1.110   0.33 20.40 ? 55  HOH B O     1 
HETATM 399 O  O     . HOH E 4 . ? -6.889  -3.916  0.776   1.00 45.18 ? 57  HOH B O     1 
# 
